data_2C63
#
_entry.id   2C63
#
_cell.length_a   58.251
_cell.length_b   79.398
_cell.length_c   125.109
_cell.angle_alpha   90.00
_cell.angle_beta   95.15
_cell.angle_gamma   90.00
#
_symmetry.space_group_name_H-M   'P 1 21 1'
#
loop_
_entity.id
_entity.type
_entity.pdbx_description
1 polymer '14-3-3 PROTEIN ETA'
2 polymer 'CONSENSUS PEPTIDE FOR 14-3-3 PROTEINS'
3 water water
#
loop_
_entity_poly.entity_id
_entity_poly.type
_entity_poly.pdbx_seq_one_letter_code
_entity_poly.pdbx_strand_id
1 'polypeptide(L)'
;SMGDREQLLQRARLAEQAERYDDMASAMKAVTELNEPLSNEDRNLLSVAYKNVVGARRSSWRVISSIEQKTMADGNEKKL
EKVKAYREKIEKELETVCNDVLSLLDKFLIKNCNDFQYESKVFYLKMKGDYYRYLAEVASGEKKNSVVEASEAAYKEAFE
ISKEQMQPTHPIRLGLALNFSVFYYEIQNAPEQACLLAKQAFDDAIAELDTLNEDSYKDSTLIMQLLRDNLTLWTSDQQD
EEAGEGN
;
A,B,C,D
2 'polypeptide(L)' RAI(SEP)LP P,Q,R,S
#
# COMPACT_ATOMS: atom_id res chain seq x y z
N ASP A 4 -8.99 5.06 -17.83
CA ASP A 4 -9.50 4.68 -19.17
C ASP A 4 -10.05 3.28 -19.05
N ARG A 5 -11.16 3.00 -19.73
CA ARG A 5 -11.95 1.77 -19.57
C ARG A 5 -11.40 0.55 -20.32
N GLU A 6 -10.92 0.81 -21.54
CA GLU A 6 -10.24 -0.22 -22.29
C GLU A 6 -9.02 -0.69 -21.50
N GLN A 7 -8.24 0.27 -21.00
CA GLN A 7 -6.99 -0.02 -20.28
C GLN A 7 -7.24 -0.87 -19.04
N LEU A 8 -8.18 -0.44 -18.19
CA LEU A 8 -8.55 -1.15 -16.97
C LEU A 8 -9.12 -2.55 -17.26
N LEU A 9 -9.78 -2.73 -18.40
CA LEU A 9 -10.46 -3.99 -18.74
C LEU A 9 -9.48 -5.00 -19.30
N GLN A 10 -8.55 -4.50 -20.12
CA GLN A 10 -7.41 -5.27 -20.65
C GLN A 10 -6.58 -5.89 -19.53
N ARG A 11 -6.28 -5.02 -18.57
CA ARG A 11 -5.58 -5.36 -17.35
C ARG A 11 -6.33 -6.45 -16.59
N ALA A 12 -7.66 -6.37 -16.49
CA ALA A 12 -8.41 -7.42 -15.77
C ALA A 12 -8.32 -8.76 -16.49
N ARG A 13 -8.36 -8.73 -17.81
CA ARG A 13 -8.28 -9.99 -18.57
C ARG A 13 -6.93 -10.71 -18.36
N LEU A 14 -5.86 -9.92 -18.31
CA LEU A 14 -4.50 -10.44 -18.21
C LEU A 14 -4.23 -10.90 -16.79
N ALA A 15 -4.66 -10.09 -15.83
CA ALA A 15 -4.62 -10.44 -14.41
C ALA A 15 -5.37 -11.73 -14.11
N GLU A 16 -6.52 -11.94 -14.77
CA GLU A 16 -7.22 -13.23 -14.68
C GLU A 16 -6.38 -14.43 -15.16
N GLN A 17 -5.76 -14.29 -16.33
CA GLN A 17 -4.96 -15.37 -16.91
C GLN A 17 -3.79 -15.74 -15.97
N ALA A 18 -3.23 -14.71 -15.37
CA ALA A 18 -2.09 -14.79 -14.45
C ALA A 18 -2.44 -15.13 -13.03
N GLU A 19 -3.74 -15.29 -12.77
CA GLU A 19 -4.30 -15.58 -11.45
C GLU A 19 -3.84 -14.59 -10.42
N ARG A 20 -3.69 -13.34 -10.85
CA ARG A 20 -3.45 -12.24 -9.93
C ARG A 20 -4.81 -11.56 -9.69
N TYR A 21 -5.57 -12.12 -8.77
CA TYR A 21 -6.96 -11.73 -8.55
C TYR A 21 -7.12 -10.43 -7.79
N ASP A 22 -6.14 -10.01 -6.98
CA ASP A 22 -6.26 -8.67 -6.34
C ASP A 22 -6.12 -7.58 -7.37
N ASP A 23 -5.23 -7.81 -8.32
CA ASP A 23 -5.02 -6.93 -9.47
C ASP A 23 -6.24 -6.83 -10.36
N MET A 24 -6.91 -7.98 -10.55
CA MET A 24 -8.16 -8.08 -11.30
C MET A 24 -9.31 -7.31 -10.60
N ALA A 25 -9.43 -7.49 -9.30
CA ALA A 25 -10.50 -6.88 -8.53
C ALA A 25 -10.30 -5.33 -8.51
N SER A 26 -9.05 -4.91 -8.39
CA SER A 26 -8.78 -3.48 -8.33
C SER A 26 -9.10 -2.81 -9.69
N ALA A 27 -8.82 -3.51 -10.79
CA ALA A 27 -9.10 -3.00 -12.14
C ALA A 27 -10.60 -2.89 -12.43
N MET A 28 -11.37 -3.88 -11.97
CA MET A 28 -12.83 -3.94 -12.13
C MET A 28 -13.63 -3.01 -11.20
N LYS A 29 -13.06 -2.75 -10.03
CA LYS A 29 -13.59 -1.77 -9.07
C LYS A 29 -13.54 -0.40 -9.70
N ALA A 30 -12.43 -0.14 -10.40
CA ALA A 30 -12.20 1.11 -11.13
C ALA A 30 -13.12 1.26 -12.33
N VAL A 31 -13.29 0.18 -13.09
CA VAL A 31 -14.20 0.14 -14.24
C VAL A 31 -15.60 0.47 -13.74
N THR A 32 -15.98 -0.15 -12.63
CA THR A 32 -17.29 0.08 -12.02
C THR A 32 -17.47 1.55 -11.58
N GLU A 33 -16.38 2.18 -11.12
CA GLU A 33 -16.40 3.54 -10.55
C GLU A 33 -16.50 4.63 -11.62
N LEU A 34 -16.38 4.23 -12.88
CA LEU A 34 -16.65 5.11 -14.00
C LEU A 34 -18.16 5.51 -14.11
N ASN A 35 -19.03 4.72 -13.48
CA ASN A 35 -20.49 4.96 -13.38
C ASN A 35 -21.21 4.66 -14.70
N GLU A 36 -20.60 3.81 -15.53
CA GLU A 36 -21.26 3.39 -16.76
C GLU A 36 -21.57 1.91 -16.55
N PRO A 37 -22.62 1.43 -17.23
CA PRO A 37 -23.08 0.04 -17.14
C PRO A 37 -22.04 -1.01 -17.51
N LEU A 38 -22.22 -2.23 -17.01
CA LEU A 38 -21.29 -3.33 -17.30
C LEU A 38 -21.98 -4.26 -18.25
N SER A 39 -21.27 -4.67 -19.29
CA SER A 39 -21.76 -5.70 -20.21
C SER A 39 -21.72 -7.05 -19.51
N ASN A 40 -22.20 -8.08 -20.20
CA ASN A 40 -22.18 -9.41 -19.58
C ASN A 40 -20.76 -9.84 -19.29
N GLU A 41 -19.88 -9.67 -20.28
CA GLU A 41 -18.50 -9.99 -20.08
C GLU A 41 -17.89 -9.30 -18.83
N ASP A 42 -18.12 -7.98 -18.70
CA ASP A 42 -17.60 -7.11 -17.64
C ASP A 42 -18.02 -7.53 -16.25
N ARG A 43 -19.28 -7.87 -16.16
CA ARG A 43 -19.96 -8.32 -14.97
C ARG A 43 -19.35 -9.60 -14.43
N ASN A 44 -19.07 -10.52 -15.35
CA ASN A 44 -18.49 -11.74 -14.95
C ASN A 44 -17.05 -11.56 -14.53
N LEU A 45 -16.31 -10.67 -15.19
CA LEU A 45 -14.97 -10.29 -14.76
C LEU A 45 -14.93 -9.78 -13.32
N LEU A 46 -15.86 -8.90 -12.98
CA LEU A 46 -15.99 -8.39 -11.62
C LEU A 46 -16.30 -9.53 -10.64
N SER A 47 -17.19 -10.41 -11.06
CA SER A 47 -17.66 -11.48 -10.19
C SER A 47 -16.54 -12.48 -9.93
N VAL A 48 -15.80 -12.80 -10.98
CA VAL A 48 -14.69 -13.73 -10.88
C VAL A 48 -13.60 -13.16 -9.97
N ALA A 49 -13.22 -11.91 -10.20
CA ALA A 49 -12.16 -11.24 -9.44
C ALA A 49 -12.48 -11.34 -7.96
N TYR A 50 -13.67 -10.90 -7.61
CA TYR A 50 -14.01 -10.81 -6.25
C TYR A 50 -14.32 -12.17 -5.62
N LYS A 51 -14.83 -13.12 -6.39
CA LYS A 51 -15.08 -14.45 -5.85
C LYS A 51 -13.76 -15.08 -5.39
N ASN A 52 -12.69 -14.82 -6.13
CA ASN A 52 -11.37 -15.39 -5.85
C ASN A 52 -10.68 -14.67 -4.71
N VAL A 53 -10.80 -13.34 -4.69
CA VAL A 53 -10.25 -12.54 -3.58
C VAL A 53 -10.92 -12.96 -2.25
N VAL A 54 -12.24 -12.94 -2.19
CA VAL A 54 -12.95 -13.33 -0.94
C VAL A 54 -12.84 -14.83 -0.60
N GLY A 55 -12.85 -15.67 -1.62
CA GLY A 55 -12.70 -17.09 -1.43
C GLY A 55 -11.38 -17.42 -0.74
N ALA A 56 -10.30 -16.74 -1.08
CA ALA A 56 -9.00 -16.98 -0.42
C ALA A 56 -9.11 -16.73 1.09
N ARG A 57 -9.71 -15.60 1.42
CA ARG A 57 -9.94 -15.14 2.79
C ARG A 57 -10.85 -16.12 3.53
N ARG A 58 -11.88 -16.61 2.84
CA ARG A 58 -12.82 -17.56 3.43
C ARG A 58 -12.14 -18.90 3.73
N SER A 59 -11.31 -19.35 2.80
CA SER A 59 -10.57 -20.57 3.00
C SER A 59 -9.57 -20.42 4.18
N SER A 60 -8.86 -19.30 4.20
CA SER A 60 -7.92 -19.01 5.31
C SER A 60 -8.66 -18.91 6.63
N TRP A 61 -9.80 -18.24 6.63
CA TRP A 61 -10.61 -18.10 7.83
C TRP A 61 -11.03 -19.44 8.43
N ARG A 62 -11.41 -20.40 7.59
CA ARG A 62 -11.94 -21.69 8.04
C ARG A 62 -10.82 -22.51 8.68
N VAL A 63 -9.68 -22.54 8.02
CA VAL A 63 -8.47 -23.22 8.55
C VAL A 63 -8.01 -22.70 9.91
N ILE A 64 -7.95 -21.39 10.07
CA ILE A 64 -7.50 -20.85 11.38
C ILE A 64 -8.59 -21.01 12.47
N SER A 65 -9.86 -20.96 12.07
CA SER A 65 -10.96 -21.24 13.00
C SER A 65 -10.91 -22.68 13.55
N SER A 66 -10.51 -23.63 12.71
CA SER A 66 -10.36 -25.02 13.16
C SER A 66 -9.20 -25.16 14.18
N ILE A 67 -8.12 -24.44 13.92
CA ILE A 67 -6.98 -24.45 14.84
C ILE A 67 -7.40 -23.84 16.20
N GLU A 68 -8.05 -22.68 16.16
CA GLU A 68 -8.54 -21.98 17.34
C GLU A 68 -9.51 -22.82 18.21
N GLN A 69 -10.34 -23.64 17.58
CA GLN A 69 -11.20 -24.58 18.29
C GLN A 69 -10.34 -25.66 18.99
N LYS A 70 -9.36 -26.24 18.27
CA LYS A 70 -8.48 -27.24 18.89
C LYS A 70 -7.62 -26.64 19.99
N THR A 71 -7.21 -25.37 19.86
CA THR A 71 -6.38 -24.72 20.89
C THR A 71 -7.21 -24.40 22.13
N MET A 72 -8.50 -24.11 21.95
CA MET A 72 -9.43 -23.96 23.09
C MET A 72 -9.55 -25.24 23.93
N ALA A 73 -9.75 -26.37 23.26
CA ALA A 73 -9.90 -27.69 23.93
C ALA A 73 -8.58 -28.17 24.54
N ASP A 74 -7.48 -27.95 23.81
CA ASP A 74 -6.16 -28.21 24.37
C ASP A 74 -5.93 -27.38 25.64
N GLY A 75 -6.57 -26.21 25.71
CA GLY A 75 -6.47 -25.34 26.89
C GLY A 75 -5.22 -24.45 26.93
N ASN A 76 -4.56 -24.28 25.79
CA ASN A 76 -3.38 -23.44 25.68
C ASN A 76 -3.74 -21.95 25.52
N GLU A 77 -3.78 -21.22 26.63
CA GLU A 77 -4.33 -19.86 26.67
C GLU A 77 -3.46 -18.83 25.95
N LYS A 78 -2.14 -19.02 26.01
CA LYS A 78 -1.14 -18.14 25.36
C LYS A 78 -1.16 -18.22 23.84
N LYS A 79 -1.31 -19.44 23.30
CA LYS A 79 -1.43 -19.65 21.85
C LYS A 79 -2.82 -19.31 21.35
N LEU A 80 -3.83 -19.71 22.09
CA LEU A 80 -5.17 -19.32 21.74
C LEU A 80 -5.30 -17.80 21.65
N GLU A 81 -4.52 -17.06 22.42
CA GLU A 81 -4.52 -15.59 22.27
C GLU A 81 -4.05 -15.23 20.83
N LYS A 82 -3.00 -15.92 20.40
CA LYS A 82 -2.35 -15.60 19.14
C LYS A 82 -3.15 -16.07 17.93
N VAL A 83 -3.78 -17.25 18.03
CA VAL A 83 -4.68 -17.76 16.96
C VAL A 83 -5.96 -16.90 16.84
N LYS A 84 -6.59 -16.54 17.96
CA LYS A 84 -7.73 -15.62 17.94
C LYS A 84 -7.42 -14.31 17.19
N ALA A 85 -6.33 -13.65 17.57
CA ALA A 85 -5.85 -12.44 16.91
C ALA A 85 -5.68 -12.59 15.36
N TYR A 86 -5.10 -13.72 14.92
CA TYR A 86 -4.84 -13.96 13.47
C TYR A 86 -6.14 -14.21 12.70
N ARG A 87 -7.02 -14.97 13.32
CA ARG A 87 -8.34 -15.22 12.77
C ARG A 87 -9.05 -13.90 12.64
N GLU A 88 -8.91 -13.04 13.63
CA GLU A 88 -9.50 -11.72 13.57
C GLU A 88 -8.86 -10.80 12.50
N LYS A 89 -7.53 -10.86 12.31
CA LYS A 89 -6.85 -10.16 11.19
C LYS A 89 -7.46 -10.57 9.84
N ILE A 90 -7.57 -11.88 9.60
CA ILE A 90 -8.26 -12.42 8.41
C ILE A 90 -9.73 -11.97 8.27
N GLU A 91 -10.54 -12.05 9.33
CA GLU A 91 -11.91 -11.53 9.33
C GLU A 91 -12.05 -10.10 8.86
N LYS A 92 -11.25 -9.21 9.42
CA LYS A 92 -11.25 -7.83 9.03
C LYS A 92 -10.88 -7.73 7.57
N GLU A 93 -9.93 -8.53 7.11
CA GLU A 93 -9.66 -8.58 5.65
C GLU A 93 -10.89 -8.99 4.82
N LEU A 94 -11.50 -10.09 5.22
CA LEU A 94 -12.68 -10.61 4.58
C LEU A 94 -13.84 -9.62 4.57
N GLU A 95 -14.07 -8.99 5.71
CA GLU A 95 -15.17 -8.03 5.84
C GLU A 95 -14.96 -6.83 4.94
N THR A 96 -13.70 -6.46 4.74
CA THR A 96 -13.35 -5.27 3.92
C THR A 96 -13.61 -5.54 2.44
N VAL A 97 -13.28 -6.73 1.99
CA VAL A 97 -13.55 -7.14 0.62
C VAL A 97 -15.04 -7.15 0.39
N CYS A 98 -15.80 -7.76 1.32
CA CYS A 98 -17.28 -7.83 1.20
C CYS A 98 -17.91 -6.47 1.18
N ASN A 99 -17.47 -5.55 2.03
CA ASN A 99 -18.05 -4.21 2.05
C ASN A 99 -17.62 -3.38 0.86
N ASP A 100 -16.44 -3.66 0.28
CA ASP A 100 -16.06 -3.02 -0.96
C ASP A 100 -17.03 -3.44 -2.08
N VAL A 101 -17.27 -4.74 -2.19
CA VAL A 101 -18.17 -5.28 -3.17
C VAL A 101 -19.55 -4.71 -3.00
N LEU A 102 -20.05 -4.79 -1.76
CA LEU A 102 -21.39 -4.28 -1.41
C LEU A 102 -21.59 -2.78 -1.63
N SER A 103 -20.52 -2.01 -1.48
CA SER A 103 -20.55 -0.59 -1.86
C SER A 103 -20.55 -0.35 -3.39
N LEU A 104 -19.76 -1.11 -4.15
CA LEU A 104 -19.91 -1.10 -5.61
C LEU A 104 -21.36 -1.37 -6.04
N LEU A 105 -21.93 -2.45 -5.52
CA LEU A 105 -23.33 -2.80 -5.80
C LEU A 105 -24.36 -1.71 -5.45
N ASP A 106 -24.27 -1.19 -4.24
CA ASP A 106 -25.21 -0.21 -3.70
C ASP A 106 -25.03 1.15 -4.33
N LYS A 107 -23.78 1.51 -4.63
CA LYS A 107 -23.50 2.89 -5.05
C LYS A 107 -23.55 3.07 -6.57
N PHE A 108 -23.23 2.02 -7.31
CA PHE A 108 -23.20 2.06 -8.79
C PHE A 108 -24.11 1.03 -9.45
N LEU A 109 -23.84 -0.24 -9.24
CA LEU A 109 -24.43 -1.30 -10.07
C LEU A 109 -25.96 -1.52 -9.94
N ILE A 110 -26.45 -1.74 -8.72
CA ILE A 110 -27.89 -1.82 -8.50
C ILE A 110 -28.54 -0.45 -8.72
N LYS A 111 -27.91 0.61 -8.17
CA LYS A 111 -28.37 1.99 -8.25
C LYS A 111 -28.75 2.41 -9.68
N ASN A 112 -27.85 2.13 -10.63
CA ASN A 112 -28.01 2.53 -12.03
C ASN A 112 -28.86 1.59 -12.88
N CYS A 113 -29.38 0.51 -12.31
CA CYS A 113 -30.25 -0.41 -13.08
C CYS A 113 -31.60 0.26 -13.47
N ASN A 114 -31.99 0.22 -14.76
CA ASN A 114 -33.35 0.57 -15.20
C ASN A 114 -34.36 -0.30 -14.49
N ASP A 115 -35.59 0.19 -14.39
CA ASP A 115 -36.69 -0.68 -14.00
C ASP A 115 -36.91 -1.86 -15.01
N PHE A 116 -36.09 -1.92 -16.06
CA PHE A 116 -36.22 -2.82 -17.22
C PHE A 116 -34.96 -3.66 -17.52
N GLN A 117 -33.85 -3.37 -16.84
CA GLN A 117 -32.63 -4.19 -16.98
C GLN A 117 -32.62 -5.34 -15.95
N TYR A 118 -33.54 -6.28 -16.16
CA TYR A 118 -33.88 -7.29 -15.19
C TYR A 118 -32.74 -8.26 -14.99
N GLU A 119 -32.05 -8.62 -16.08
CA GLU A 119 -30.95 -9.58 -16.01
C GLU A 119 -29.84 -9.06 -15.11
N SER A 120 -29.40 -7.83 -15.37
CA SER A 120 -28.50 -7.07 -14.49
C SER A 120 -28.93 -7.04 -13.01
N LYS A 121 -30.18 -6.70 -12.76
CA LYS A 121 -30.68 -6.56 -11.37
C LYS A 121 -30.57 -7.87 -10.64
N VAL A 122 -31.06 -8.93 -11.26
CA VAL A 122 -30.99 -10.23 -10.63
C VAL A 122 -29.50 -10.57 -10.34
N PHE A 123 -28.61 -10.28 -11.28
CA PHE A 123 -27.23 -10.67 -11.20
C PHE A 123 -26.64 -9.97 -9.98
N TYR A 124 -26.92 -8.68 -9.87
CA TYR A 124 -26.38 -7.84 -8.83
C TYR A 124 -27.04 -8.10 -7.46
N LEU A 125 -28.33 -8.35 -7.42
CA LEU A 125 -28.94 -8.64 -6.14
C LEU A 125 -28.52 -10.00 -5.65
N LYS A 126 -28.25 -10.90 -6.58
CA LYS A 126 -27.70 -12.20 -6.17
C LYS A 126 -26.37 -11.93 -5.51
N MET A 127 -25.58 -11.08 -6.14
CA MET A 127 -24.25 -10.75 -5.65
C MET A 127 -24.30 -10.14 -4.23
N LYS A 128 -25.24 -9.22 -4.01
CA LYS A 128 -25.52 -8.64 -2.68
C LYS A 128 -25.88 -9.72 -1.64
N GLY A 129 -26.72 -10.67 -2.02
CA GLY A 129 -26.98 -11.82 -1.18
C GLY A 129 -25.74 -12.64 -0.84
N ASP A 130 -24.89 -12.88 -1.84
CA ASP A 130 -23.68 -13.65 -1.68
C ASP A 130 -22.74 -13.02 -0.70
N TYR A 131 -22.52 -11.72 -0.81
CA TYR A 131 -21.51 -11.08 0.03
C TYR A 131 -21.99 -10.78 1.42
N TYR A 132 -23.29 -10.47 1.55
CA TYR A 132 -23.88 -10.47 2.88
C TYR A 132 -23.82 -11.83 3.54
N ARG A 133 -23.93 -12.88 2.73
CA ARG A 133 -23.81 -14.26 3.22
C ARG A 133 -22.40 -14.58 3.66
N TYR A 134 -21.41 -14.07 2.92
CA TYR A 134 -20.03 -14.28 3.34
C TYR A 134 -19.74 -13.50 4.62
N LEU A 135 -20.30 -12.32 4.77
CA LEU A 135 -20.20 -11.59 6.04
C LEU A 135 -20.84 -12.41 7.19
N ALA A 136 -21.99 -13.04 6.87
CA ALA A 136 -22.76 -13.81 7.84
C ALA A 136 -22.02 -15.08 8.33
N GLU A 137 -21.14 -15.62 7.48
CA GLU A 137 -20.31 -16.78 7.82
C GLU A 137 -19.36 -16.49 8.95
N VAL A 138 -18.99 -15.23 9.13
CA VAL A 138 -18.06 -14.88 10.21
C VAL A 138 -18.65 -13.95 11.29
N ALA A 139 -19.87 -13.46 11.09
CA ALA A 139 -20.47 -12.45 11.99
C ALA A 139 -20.95 -13.04 13.29
N SER A 140 -21.10 -12.16 14.30
CA SER A 140 -21.60 -12.53 15.64
C SER A 140 -22.71 -11.59 16.10
N GLY A 141 -23.59 -12.12 16.96
CA GLY A 141 -24.61 -11.32 17.65
C GLY A 141 -25.58 -10.53 16.78
N GLU A 142 -25.71 -9.23 17.09
CA GLU A 142 -26.63 -8.31 16.40
C GLU A 142 -26.11 -7.97 15.01
N LYS A 143 -24.79 -7.92 14.84
CA LYS A 143 -24.22 -7.72 13.54
C LYS A 143 -24.54 -8.93 12.61
N LYS A 144 -24.59 -10.14 13.17
CA LYS A 144 -24.97 -11.31 12.41
C LYS A 144 -26.43 -11.21 11.98
N ASN A 145 -27.28 -10.79 12.90
CA ASN A 145 -28.70 -10.70 12.56
C ASN A 145 -28.92 -9.81 11.36
N SER A 146 -28.24 -8.66 11.36
CA SER A 146 -28.42 -7.64 10.36
C SER A 146 -27.97 -8.17 9.03
N VAL A 147 -26.78 -8.75 8.94
CA VAL A 147 -26.28 -9.24 7.66
C VAL A 147 -27.02 -10.50 7.15
N VAL A 148 -27.52 -11.34 8.05
CA VAL A 148 -28.41 -12.45 7.69
C VAL A 148 -29.72 -11.95 7.06
N GLU A 149 -30.31 -10.92 7.65
CA GLU A 149 -31.54 -10.35 7.10
C GLU A 149 -31.24 -9.65 5.77
N ALA A 150 -30.13 -8.93 5.71
CA ALA A 150 -29.70 -8.29 4.48
C ALA A 150 -29.52 -9.31 3.38
N SER A 151 -28.84 -10.44 3.68
CA SER A 151 -28.64 -11.47 2.69
C SER A 151 -29.99 -12.00 2.20
N GLU A 152 -30.92 -12.25 3.12
CA GLU A 152 -32.15 -12.90 2.71
C GLU A 152 -32.99 -11.97 1.84
N ALA A 153 -33.05 -10.68 2.24
CA ALA A 153 -33.81 -9.66 1.53
C ALA A 153 -33.32 -9.45 0.08
N ALA A 154 -32.00 -9.46 -0.14
CA ALA A 154 -31.46 -9.34 -1.50
C ALA A 154 -31.71 -10.61 -2.31
N TYR A 155 -31.50 -11.78 -1.70
CA TYR A 155 -31.84 -13.03 -2.44
C TYR A 155 -33.31 -13.11 -2.84
N LYS A 156 -34.19 -12.71 -1.91
CA LYS A 156 -35.62 -12.74 -2.09
C LYS A 156 -36.05 -11.80 -3.22
N GLU A 157 -35.57 -10.56 -3.22
CA GLU A 157 -35.89 -9.67 -4.33
C GLU A 157 -35.37 -10.21 -5.65
N ALA A 158 -34.12 -10.69 -5.66
CA ALA A 158 -33.50 -11.18 -6.88
C ALA A 158 -34.36 -12.30 -7.43
N PHE A 159 -34.85 -13.19 -6.56
CA PHE A 159 -35.54 -14.41 -7.01
C PHE A 159 -36.96 -14.10 -7.54
N GLU A 160 -37.64 -13.10 -6.95
CA GLU A 160 -38.95 -12.69 -7.46
C GLU A 160 -38.87 -12.05 -8.86
N ILE A 161 -37.91 -11.17 -9.06
CA ILE A 161 -37.69 -10.60 -10.39
C ILE A 161 -37.37 -11.71 -11.39
N SER A 162 -36.55 -12.68 -10.98
CA SER A 162 -36.15 -13.74 -11.90
C SER A 162 -37.33 -14.64 -12.29
N LYS A 163 -38.26 -14.86 -11.38
CA LYS A 163 -39.45 -15.61 -11.72
C LYS A 163 -40.41 -14.79 -12.59
N GLU A 164 -40.42 -13.47 -12.43
CA GLU A 164 -41.18 -12.58 -13.32
C GLU A 164 -40.61 -12.43 -14.74
N GLN A 165 -39.30 -12.49 -14.87
CA GLN A 165 -38.65 -12.05 -16.10
C GLN A 165 -37.70 -13.03 -16.74
N MET A 166 -37.40 -14.17 -16.10
CA MET A 166 -36.43 -15.13 -16.67
C MET A 166 -37.00 -16.50 -16.78
N GLN A 167 -36.57 -17.20 -17.82
CA GLN A 167 -36.97 -18.60 -17.98
C GLN A 167 -36.30 -19.40 -16.86
N PRO A 168 -36.95 -20.47 -16.39
CA PRO A 168 -36.43 -21.33 -15.31
C PRO A 168 -35.08 -22.02 -15.60
N THR A 169 -34.76 -22.16 -16.89
CA THR A 169 -33.48 -22.69 -17.35
C THR A 169 -32.38 -21.63 -17.46
N HIS A 170 -32.72 -20.37 -17.22
CA HIS A 170 -31.72 -19.31 -17.32
C HIS A 170 -30.61 -19.58 -16.27
N PRO A 171 -29.32 -19.65 -16.71
CA PRO A 171 -28.22 -19.92 -15.74
C PRO A 171 -28.18 -19.01 -14.52
N ILE A 172 -28.53 -17.74 -14.71
CA ILE A 172 -28.43 -16.80 -13.61
C ILE A 172 -29.51 -17.07 -12.57
N ARG A 173 -30.73 -17.33 -13.04
CA ARG A 173 -31.83 -17.70 -12.17
C ARG A 173 -31.51 -19.04 -11.47
N LEU A 174 -30.95 -20.02 -12.20
CA LEU A 174 -30.58 -21.30 -11.59
C LEU A 174 -29.49 -21.16 -10.48
N GLY A 175 -28.47 -20.36 -10.75
CA GLY A 175 -27.39 -20.18 -9.77
C GLY A 175 -27.78 -19.37 -8.56
N LEU A 176 -28.66 -18.41 -8.74
CA LEU A 176 -29.32 -17.75 -7.67
C LEU A 176 -30.09 -18.77 -6.86
N ALA A 177 -30.92 -19.58 -7.48
CA ALA A 177 -31.62 -20.67 -6.71
C ALA A 177 -30.64 -21.55 -5.92
N LEU A 178 -29.56 -21.94 -6.57
CA LEU A 178 -28.52 -22.68 -5.91
C LEU A 178 -28.00 -21.95 -4.66
N ASN A 179 -27.57 -20.70 -4.78
CA ASN A 179 -26.97 -20.00 -3.62
C ASN A 179 -27.98 -19.60 -2.52
N PHE A 180 -29.19 -19.29 -2.94
CA PHE A 180 -30.32 -19.03 -2.09
C PHE A 180 -30.64 -20.28 -1.27
N SER A 181 -30.63 -21.48 -1.87
CA SER A 181 -30.85 -22.71 -1.08
C SER A 181 -29.69 -22.98 -0.08
N VAL A 182 -28.46 -22.80 -0.53
CA VAL A 182 -27.28 -22.93 0.33
C VAL A 182 -27.37 -22.00 1.54
N PHE A 183 -27.82 -20.77 1.30
CA PHE A 183 -27.99 -19.78 2.38
C PHE A 183 -28.96 -20.31 3.44
N TYR A 184 -30.07 -20.90 3.00
CA TYR A 184 -31.04 -21.48 3.93
C TYR A 184 -30.43 -22.65 4.66
N TYR A 185 -29.76 -23.54 3.95
CA TYR A 185 -29.15 -24.69 4.61
C TYR A 185 -28.09 -24.32 5.61
N GLU A 186 -27.05 -23.59 5.17
CA GLU A 186 -25.93 -23.32 6.08
C GLU A 186 -25.99 -22.02 6.85
N ILE A 187 -26.74 -21.01 6.41
CA ILE A 187 -26.79 -19.80 7.22
C ILE A 187 -27.98 -19.87 8.18
N GLN A 188 -29.13 -20.32 7.71
CA GLN A 188 -30.34 -20.32 8.53
C GLN A 188 -30.54 -21.66 9.25
N ASN A 189 -29.72 -22.68 8.92
CA ASN A 189 -29.92 -24.02 9.45
C ASN A 189 -31.36 -24.43 9.25
N ALA A 190 -31.85 -24.26 8.04
CA ALA A 190 -33.23 -24.55 7.70
C ALA A 190 -33.21 -25.55 6.52
N PRO A 191 -32.85 -26.82 6.79
CA PRO A 191 -32.63 -27.83 5.73
C PRO A 191 -33.86 -28.12 4.85
N GLU A 192 -35.06 -28.15 5.42
CA GLU A 192 -36.31 -28.35 4.66
C GLU A 192 -36.65 -27.21 3.70
N GLN A 193 -36.44 -25.97 4.17
CA GLN A 193 -36.71 -24.79 3.41
C GLN A 193 -35.67 -24.73 2.26
N ALA A 194 -34.43 -25.08 2.59
CA ALA A 194 -33.36 -25.18 1.57
C ALA A 194 -33.70 -26.22 0.50
N CYS A 195 -34.06 -27.41 0.95
CA CYS A 195 -34.40 -28.48 0.01
C CYS A 195 -35.56 -28.14 -0.89
N LEU A 196 -36.60 -27.57 -0.32
CA LEU A 196 -37.78 -27.18 -1.12
C LEU A 196 -37.53 -26.20 -2.26
N LEU A 197 -36.78 -25.15 -1.97
CA LEU A 197 -36.46 -24.11 -2.93
C LEU A 197 -35.54 -24.68 -4.03
N ALA A 198 -34.55 -25.48 -3.63
CA ALA A 198 -33.69 -26.22 -4.58
C ALA A 198 -34.48 -27.17 -5.52
N LYS A 199 -35.37 -27.95 -4.91
CA LYS A 199 -36.22 -28.91 -5.63
C LYS A 199 -37.13 -28.20 -6.62
N GLN A 200 -37.80 -27.12 -6.18
CA GLN A 200 -38.65 -26.33 -7.06
C GLN A 200 -37.89 -25.79 -8.27
N ALA A 201 -36.68 -25.32 -8.05
CA ALA A 201 -35.85 -24.78 -9.15
C ALA A 201 -35.52 -25.85 -10.20
N PHE A 202 -35.03 -26.99 -9.72
CA PHE A 202 -34.72 -28.14 -10.58
C PHE A 202 -35.95 -28.57 -11.31
N ASP A 203 -37.07 -28.61 -10.59
CA ASP A 203 -38.34 -29.03 -11.15
C ASP A 203 -38.88 -28.05 -12.18
N ASP A 204 -38.79 -26.74 -11.91
CA ASP A 204 -39.26 -25.76 -12.90
C ASP A 204 -38.41 -25.78 -14.18
N ALA A 205 -37.11 -26.01 -14.06
CA ALA A 205 -36.21 -26.11 -15.21
C ALA A 205 -36.55 -27.30 -16.08
N ILE A 206 -36.74 -28.45 -15.46
CA ILE A 206 -37.05 -29.66 -16.18
C ILE A 206 -38.38 -29.56 -16.91
N ALA A 207 -39.37 -28.91 -16.28
CA ALA A 207 -40.68 -28.71 -16.91
C ALA A 207 -40.51 -27.93 -18.21
N GLU A 208 -39.41 -27.19 -18.34
CA GLU A 208 -39.24 -26.25 -19.45
C GLU A 208 -37.90 -26.38 -20.17
N LEU A 209 -37.49 -27.63 -20.44
CA LEU A 209 -36.23 -27.86 -21.14
C LEU A 209 -36.28 -27.23 -22.53
N ASP A 210 -37.49 -27.11 -23.06
CA ASP A 210 -37.74 -26.45 -24.34
C ASP A 210 -37.22 -25.03 -24.40
N THR A 211 -36.91 -24.43 -23.24
CA THR A 211 -36.31 -23.07 -23.18
C THR A 211 -34.77 -22.99 -23.12
N LEU A 212 -34.08 -24.10 -23.24
CA LEU A 212 -32.61 -24.07 -23.30
C LEU A 212 -32.19 -23.43 -24.61
N ASN A 213 -31.18 -22.57 -24.52
CA ASN A 213 -30.62 -21.82 -25.65
C ASN A 213 -29.28 -22.40 -26.02
N GLU A 214 -28.88 -22.18 -27.28
CA GLU A 214 -27.59 -22.57 -27.80
C GLU A 214 -26.39 -22.09 -26.98
N ASP A 215 -26.48 -20.86 -26.49
CA ASP A 215 -25.29 -20.27 -25.90
C ASP A 215 -25.18 -20.49 -24.40
N SER A 216 -26.26 -20.95 -23.76
CA SER A 216 -26.23 -21.28 -22.35
C SER A 216 -26.70 -22.70 -21.91
N TYR A 217 -26.97 -23.65 -22.81
CA TYR A 217 -27.49 -24.97 -22.36
C TYR A 217 -26.54 -25.74 -21.42
N LYS A 218 -25.23 -25.66 -21.70
CA LYS A 218 -24.21 -26.32 -20.90
C LYS A 218 -24.16 -25.81 -19.46
N ASP A 219 -24.15 -24.49 -19.29
CA ASP A 219 -24.23 -23.88 -17.97
C ASP A 219 -25.53 -24.18 -17.26
N SER A 220 -26.65 -24.12 -17.97
CA SER A 220 -27.91 -24.50 -17.36
C SER A 220 -27.86 -25.94 -16.83
N THR A 221 -27.38 -26.88 -17.66
CA THR A 221 -27.39 -28.29 -17.22
C THR A 221 -26.37 -28.55 -16.08
N LEU A 222 -25.24 -27.84 -16.13
CA LEU A 222 -24.24 -27.94 -15.07
C LEU A 222 -24.91 -27.59 -13.71
N ILE A 223 -25.60 -26.47 -13.70
CA ILE A 223 -26.17 -25.93 -12.47
C ILE A 223 -27.39 -26.75 -12.02
N MET A 224 -28.20 -27.22 -12.94
CA MET A 224 -29.22 -28.23 -12.56
C MET A 224 -28.57 -29.39 -11.82
N GLN A 225 -27.45 -29.89 -12.31
CA GLN A 225 -26.77 -31.02 -11.61
C GLN A 225 -26.21 -30.62 -10.23
N LEU A 226 -25.71 -29.39 -10.08
CA LEU A 226 -25.30 -28.93 -8.76
C LEU A 226 -26.46 -28.85 -7.78
N LEU A 227 -27.63 -28.46 -8.26
CA LEU A 227 -28.84 -28.41 -7.43
C LEU A 227 -29.16 -29.82 -6.96
N ARG A 228 -29.18 -30.74 -7.92
CA ARG A 228 -29.38 -32.12 -7.62
C ARG A 228 -28.34 -32.64 -6.63
N ASP A 229 -27.06 -32.33 -6.83
CA ASP A 229 -25.98 -32.81 -5.93
C ASP A 229 -26.24 -32.44 -4.47
N ASN A 230 -26.68 -31.22 -4.27
CA ASN A 230 -26.95 -30.67 -2.95
C ASN A 230 -28.15 -31.34 -2.33
N LEU A 231 -29.19 -31.59 -3.11
CA LEU A 231 -30.39 -32.24 -2.60
C LEU A 231 -30.09 -33.65 -2.18
N THR A 232 -29.20 -34.34 -2.89
CA THR A 232 -28.83 -35.73 -2.51
C THR A 232 -28.00 -35.78 -1.23
N LEU A 233 -27.05 -34.85 -1.09
CA LEU A 233 -26.32 -34.68 0.17
C LEU A 233 -27.27 -34.33 1.33
N TRP A 234 -28.13 -33.35 1.10
CA TRP A 234 -29.03 -32.87 2.13
C TRP A 234 -30.13 -33.85 2.53
N THR A 235 -30.77 -34.49 1.58
CA THR A 235 -31.83 -35.45 1.91
C THR A 235 -31.23 -36.66 2.67
N SER A 236 -30.11 -37.19 2.17
CA SER A 236 -29.38 -38.27 2.87
C SER A 236 -28.75 -37.76 4.17
N ASP B 4 9.14 -10.15 18.90
CA ASP B 4 9.46 -11.39 19.65
C ASP B 4 9.52 -12.60 18.70
N ARG B 5 10.54 -13.43 18.90
CA ARG B 5 10.94 -14.45 17.95
C ARG B 5 9.93 -15.60 17.91
N GLU B 6 9.42 -15.99 19.07
CA GLU B 6 8.46 -17.07 19.14
C GLU B 6 7.11 -16.62 18.60
N GLN B 7 6.76 -15.36 18.85
CA GLN B 7 5.56 -14.76 18.24
C GLN B 7 5.64 -14.84 16.73
N LEU B 8 6.74 -14.37 16.17
CA LEU B 8 6.94 -14.41 14.73
C LEU B 8 6.89 -15.79 14.12
N LEU B 9 7.51 -16.75 14.80
CA LEU B 9 7.53 -18.14 14.35
C LEU B 9 6.15 -18.80 14.44
N GLN B 10 5.38 -18.49 15.48
CA GLN B 10 3.99 -18.96 15.56
C GLN B 10 3.13 -18.38 14.41
N ARG B 11 3.29 -17.09 14.14
CA ARG B 11 2.67 -16.47 12.98
C ARG B 11 2.97 -17.16 11.64
N ALA B 12 4.26 -17.37 11.35
CA ALA B 12 4.69 -18.09 10.14
C ALA B 12 4.03 -19.47 10.00
N ARG B 13 3.94 -20.20 11.11
CA ARG B 13 3.26 -21.49 11.13
C ARG B 13 1.77 -21.38 10.82
N LEU B 14 1.13 -20.37 11.40
CA LEU B 14 -0.31 -20.15 11.15
C LEU B 14 -0.57 -19.73 9.71
N ALA B 15 0.27 -18.80 9.22
CA ALA B 15 0.25 -18.33 7.84
C ALA B 15 0.41 -19.46 6.84
N GLU B 16 1.31 -20.38 7.14
CA GLU B 16 1.55 -21.49 6.25
C GLU B 16 0.30 -22.32 6.09
N GLN B 17 -0.32 -22.64 7.20
CA GLN B 17 -1.52 -23.44 7.18
C GLN B 17 -2.66 -22.70 6.46
N ALA B 18 -2.73 -21.37 6.65
CA ALA B 18 -3.70 -20.47 5.98
C ALA B 18 -3.35 -20.20 4.52
N GLU B 19 -2.15 -20.63 4.10
CA GLU B 19 -1.61 -20.42 2.76
C GLU B 19 -1.55 -18.94 2.42
N ARG B 20 -1.22 -18.16 3.43
CA ARG B 20 -0.95 -16.75 3.32
C ARG B 20 0.58 -16.57 3.36
N TYR B 21 1.20 -16.74 2.20
CA TYR B 21 2.66 -16.79 2.06
C TYR B 21 3.35 -15.47 2.08
N ASP B 22 2.64 -14.37 1.92
CA ASP B 22 3.25 -13.07 2.21
C ASP B 22 3.35 -12.80 3.71
N ASP B 23 2.30 -13.11 4.45
CA ASP B 23 2.37 -13.04 5.90
C ASP B 23 3.54 -13.91 6.40
N MET B 24 3.65 -15.08 5.80
CA MET B 24 4.64 -16.06 6.17
C MET B 24 6.07 -15.56 5.84
N ALA B 25 6.28 -15.09 4.63
CA ALA B 25 7.60 -14.55 4.27
C ALA B 25 7.93 -13.31 5.11
N SER B 26 6.92 -12.49 5.35
CA SER B 26 7.13 -11.31 6.16
C SER B 26 7.53 -11.66 7.60
N ALA B 27 6.90 -12.67 8.24
CA ALA B 27 7.33 -13.13 9.58
C ALA B 27 8.73 -13.74 9.63
N MET B 28 9.06 -14.56 8.65
CA MET B 28 10.41 -15.15 8.58
C MET B 28 11.52 -14.21 8.22
N LYS B 29 11.24 -13.19 7.41
CA LYS B 29 12.18 -12.05 7.26
C LYS B 29 12.46 -11.38 8.62
N ALA B 30 11.42 -11.11 9.39
CA ALA B 30 11.63 -10.54 10.72
C ALA B 30 12.47 -11.43 11.64
N VAL B 31 12.27 -12.75 11.54
CA VAL B 31 13.05 -13.71 12.34
C VAL B 31 14.51 -13.57 11.94
N THR B 32 14.76 -13.61 10.63
CA THR B 32 16.12 -13.50 10.09
C THR B 32 16.82 -12.19 10.57
N GLU B 33 16.08 -11.09 10.59
CA GLU B 33 16.63 -9.79 10.98
C GLU B 33 16.87 -9.65 12.47
N LEU B 34 16.49 -10.65 13.26
CA LEU B 34 16.95 -10.76 14.67
C LEU B 34 18.41 -11.12 14.81
N ASN B 35 19.07 -11.48 13.69
CA ASN B 35 20.52 -11.64 13.63
C ASN B 35 20.96 -12.81 14.51
N GLU B 36 20.08 -13.79 14.66
CA GLU B 36 20.30 -14.96 15.46
C GLU B 36 20.22 -16.17 14.52
N PRO B 37 20.94 -17.26 14.85
CA PRO B 37 20.91 -18.38 13.92
C PRO B 37 19.51 -18.99 13.76
N LEU B 38 19.22 -19.47 12.55
CA LEU B 38 18.02 -20.27 12.31
C LEU B 38 18.33 -21.76 12.51
N SER B 39 17.39 -22.45 13.15
CA SER B 39 17.43 -23.87 13.26
C SER B 39 17.03 -24.46 11.92
N ASN B 40 17.08 -25.79 11.81
CA ASN B 40 16.64 -26.49 10.62
C ASN B 40 15.22 -26.18 10.25
N GLU B 41 14.35 -26.25 11.25
CA GLU B 41 12.94 -26.06 11.03
C GLU B 41 12.63 -24.62 10.71
N ASP B 42 13.35 -23.69 11.34
CA ASP B 42 13.24 -22.27 11.04
C ASP B 42 13.64 -21.99 9.61
N ARG B 43 14.74 -22.62 9.20
CA ARG B 43 15.22 -22.49 7.83
C ARG B 43 14.20 -22.97 6.83
N ASN B 44 13.61 -24.13 7.07
CA ASN B 44 12.61 -24.64 6.15
C ASN B 44 11.35 -23.74 6.04
N LEU B 45 10.92 -23.15 7.15
CA LEU B 45 9.86 -22.13 7.13
C LEU B 45 10.23 -20.92 6.27
N LEU B 46 11.48 -20.46 6.36
CA LEU B 46 11.97 -19.38 5.49
C LEU B 46 11.91 -19.80 4.01
N SER B 47 12.48 -20.96 3.71
CA SER B 47 12.52 -21.50 2.34
C SER B 47 11.08 -21.66 1.73
N VAL B 48 10.19 -22.30 2.47
CA VAL B 48 8.80 -22.53 2.05
C VAL B 48 8.07 -21.23 1.76
N ALA B 49 8.18 -20.28 2.68
CA ALA B 49 7.56 -19.00 2.49
C ALA B 49 7.97 -18.36 1.20
N TYR B 50 9.28 -18.17 1.01
CA TYR B 50 9.79 -17.52 -0.20
C TYR B 50 9.62 -18.32 -1.50
N LYS B 51 9.68 -19.65 -1.40
CA LYS B 51 9.36 -20.50 -2.56
C LYS B 51 7.97 -20.27 -3.12
N ASN B 52 6.98 -20.21 -2.22
CA ASN B 52 5.62 -19.87 -2.62
C ASN B 52 5.42 -18.47 -3.09
N VAL B 53 6.05 -17.50 -2.41
CA VAL B 53 5.96 -16.12 -2.85
C VAL B 53 6.55 -15.94 -4.27
N VAL B 54 7.79 -16.36 -4.46
CA VAL B 54 8.47 -16.17 -5.76
C VAL B 54 7.78 -17.05 -6.81
N GLY B 55 7.34 -18.24 -6.39
CA GLY B 55 6.65 -19.15 -7.30
C GLY B 55 5.38 -18.65 -7.96
N ALA B 56 4.53 -17.95 -7.21
CA ALA B 56 3.36 -17.24 -7.78
C ALA B 56 3.75 -16.27 -8.91
N ARG B 57 4.78 -15.47 -8.65
CA ARG B 57 5.31 -14.54 -9.66
C ARG B 57 5.93 -15.26 -10.85
N ARG B 58 6.64 -16.36 -10.61
CA ARG B 58 7.22 -17.13 -11.72
C ARG B 58 6.14 -17.71 -12.63
N SER B 59 5.11 -18.28 -12.01
CA SER B 59 4.01 -18.83 -12.75
C SER B 59 3.31 -17.74 -13.53
N SER B 60 2.96 -16.66 -12.85
CA SER B 60 2.29 -15.52 -13.49
C SER B 60 3.10 -15.07 -14.68
N TRP B 61 4.40 -14.91 -14.49
CA TRP B 61 5.32 -14.48 -15.55
C TRP B 61 5.30 -15.42 -16.76
N ARG B 62 5.34 -16.73 -16.54
CA ARG B 62 5.30 -17.64 -17.71
C ARG B 62 4.00 -17.60 -18.49
N VAL B 63 2.89 -17.34 -17.80
CA VAL B 63 1.60 -17.25 -18.45
C VAL B 63 1.60 -16.03 -19.36
N ILE B 64 1.99 -14.89 -18.81
CA ILE B 64 1.98 -13.61 -19.54
C ILE B 64 3.07 -13.48 -20.66
N SER B 65 4.21 -14.18 -20.54
CA SER B 65 5.18 -14.35 -21.65
C SER B 65 4.63 -15.20 -22.81
N SER B 66 3.82 -16.20 -22.49
CA SER B 66 3.19 -17.03 -23.54
C SER B 66 2.25 -16.19 -24.38
N ILE B 67 1.44 -15.41 -23.69
CA ILE B 67 0.49 -14.53 -24.33
C ILE B 67 1.24 -13.51 -25.19
N GLU B 68 2.33 -12.96 -24.69
CA GLU B 68 3.12 -11.97 -25.43
C GLU B 68 3.70 -12.55 -26.74
N GLN B 69 4.08 -13.84 -26.70
CA GLN B 69 4.49 -14.60 -27.89
C GLN B 69 3.34 -14.78 -28.88
N LYS B 70 2.16 -15.15 -28.35
CA LYS B 70 0.96 -15.37 -29.18
C LYS B 70 0.38 -14.05 -29.69
N THR B 71 0.79 -12.93 -29.08
CA THR B 71 0.34 -11.61 -29.52
C THR B 71 1.25 -11.10 -30.65
N MET B 72 2.54 -11.44 -30.56
CA MET B 72 3.53 -11.10 -31.62
C MET B 72 3.15 -11.76 -32.95
N ALA B 73 3.00 -13.09 -32.90
CA ALA B 73 2.48 -13.90 -34.02
C ALA B 73 1.14 -13.36 -34.55
N ASP B 74 0.24 -12.98 -33.66
CA ASP B 74 -1.03 -12.36 -34.09
C ASP B 74 -0.82 -11.07 -34.90
N GLY B 75 0.22 -10.30 -34.58
CA GLY B 75 0.46 -8.97 -35.15
C GLY B 75 -0.23 -7.80 -34.45
N ASN B 76 -1.06 -8.09 -33.43
CA ASN B 76 -1.75 -7.07 -32.62
C ASN B 76 -0.71 -6.26 -31.80
N GLU B 77 -0.35 -5.09 -32.32
CA GLU B 77 0.75 -4.27 -31.75
C GLU B 77 0.30 -3.44 -30.54
N LYS B 78 -0.95 -2.96 -30.57
CA LYS B 78 -1.56 -2.32 -29.40
C LYS B 78 -1.59 -3.28 -28.19
N LYS B 79 -2.09 -4.51 -28.41
CA LYS B 79 -2.15 -5.49 -27.31
C LYS B 79 -0.76 -5.83 -26.75
N LEU B 80 0.21 -5.98 -27.63
CA LEU B 80 1.57 -6.31 -27.26
C LEU B 80 2.18 -5.25 -26.35
N GLU B 81 1.83 -3.98 -26.60
CA GLU B 81 2.33 -2.88 -25.76
C GLU B 81 1.91 -3.04 -24.29
N LYS B 82 0.62 -3.30 -24.05
CA LYS B 82 0.08 -3.48 -22.68
C LYS B 82 0.46 -4.85 -22.03
N VAL B 83 0.60 -5.89 -22.86
CA VAL B 83 1.01 -7.21 -22.40
C VAL B 83 2.48 -7.21 -22.01
N LYS B 84 3.29 -6.46 -22.76
CA LYS B 84 4.72 -6.26 -22.39
C LYS B 84 4.81 -5.53 -21.05
N ALA B 85 4.06 -4.44 -20.91
CA ALA B 85 4.06 -3.62 -19.70
C ALA B 85 3.66 -4.37 -18.44
N TYR B 86 2.75 -5.34 -18.57
CA TYR B 86 2.27 -6.14 -17.46
C TYR B 86 3.27 -7.22 -17.11
N ARG B 87 3.85 -7.84 -18.13
CA ARG B 87 4.95 -8.78 -17.93
C ARG B 87 6.09 -8.15 -17.14
N GLU B 88 6.42 -6.94 -17.53
CA GLU B 88 7.44 -6.11 -16.89
C GLU B 88 7.07 -5.71 -15.45
N LYS B 89 5.78 -5.47 -15.19
CA LYS B 89 5.27 -5.20 -13.83
C LYS B 89 5.47 -6.42 -12.95
N ILE B 90 5.07 -7.58 -13.46
CA ILE B 90 5.32 -8.84 -12.77
C ILE B 90 6.83 -9.10 -12.57
N GLU B 91 7.63 -8.75 -13.57
CA GLU B 91 9.06 -8.94 -13.48
C GLU B 91 9.72 -8.17 -12.36
N LYS B 92 9.35 -6.90 -12.18
CA LYS B 92 9.95 -6.10 -11.10
C LYS B 92 9.53 -6.64 -9.74
N GLU B 93 8.29 -7.15 -9.63
CA GLU B 93 7.87 -7.85 -8.41
C GLU B 93 8.72 -9.05 -8.14
N LEU B 94 8.86 -9.91 -9.14
CA LEU B 94 9.67 -11.10 -9.03
C LEU B 94 11.09 -10.69 -8.61
N GLU B 95 11.67 -9.73 -9.31
CA GLU B 95 13.03 -9.29 -8.97
C GLU B 95 13.15 -8.79 -7.53
N THR B 96 12.14 -8.07 -7.07
CA THR B 96 12.11 -7.52 -5.72
C THR B 96 12.10 -8.62 -4.67
N VAL B 97 11.32 -9.67 -4.87
CA VAL B 97 11.32 -10.83 -3.97
C VAL B 97 12.69 -11.53 -3.90
N CYS B 98 13.31 -11.77 -5.06
CA CYS B 98 14.64 -12.39 -5.19
C CYS B 98 15.69 -11.53 -4.53
N ASN B 99 15.60 -10.23 -4.75
CA ASN B 99 16.54 -9.31 -4.14
C ASN B 99 16.41 -9.23 -2.61
N ASP B 100 15.19 -9.29 -2.09
CA ASP B 100 14.96 -9.42 -0.64
C ASP B 100 15.57 -10.70 -0.03
N VAL B 101 15.39 -11.85 -0.68
CA VAL B 101 15.96 -13.08 -0.24
C VAL B 101 17.50 -13.02 -0.22
N LEU B 102 18.05 -12.65 -1.39
CA LEU B 102 19.50 -12.50 -1.59
C LEU B 102 20.11 -11.56 -0.57
N SER B 103 19.37 -10.53 -0.18
CA SER B 103 19.89 -9.54 0.76
C SER B 103 19.85 -10.13 2.15
N LEU B 104 18.80 -10.88 2.47
CA LEU B 104 18.80 -11.68 3.73
C LEU B 104 20.00 -12.62 3.84
N LEU B 105 20.27 -13.31 2.76
CA LEU B 105 21.38 -14.25 2.71
C LEU B 105 22.71 -13.55 2.90
N ASP B 106 22.88 -12.45 2.17
CA ASP B 106 24.08 -11.65 2.15
C ASP B 106 24.30 -10.92 3.49
N LYS B 107 23.25 -10.26 3.98
CA LYS B 107 23.39 -9.37 5.15
C LYS B 107 23.26 -10.08 6.54
N PHE B 108 22.69 -11.29 6.59
CA PHE B 108 22.52 -12.03 7.87
C PHE B 108 22.92 -13.51 7.78
N LEU B 109 22.31 -14.26 6.86
CA LEU B 109 22.35 -15.72 6.96
C LEU B 109 23.70 -16.34 6.65
N ILE B 110 24.25 -16.01 5.49
CA ILE B 110 25.58 -16.46 5.10
C ILE B 110 26.67 -15.66 5.86
N LYS B 111 26.45 -14.37 6.03
CA LYS B 111 27.34 -13.51 6.83
C LYS B 111 27.63 -14.12 8.21
N ASN B 112 26.56 -14.47 8.93
CA ASN B 112 26.65 -14.85 10.35
C ASN B 112 26.95 -16.33 10.53
N CYS B 113 27.07 -17.04 9.41
CA CYS B 113 27.53 -18.44 9.38
C CYS B 113 29.00 -18.51 9.73
N ASN B 114 29.37 -19.31 10.73
CA ASN B 114 30.81 -19.56 10.92
C ASN B 114 31.26 -20.70 9.99
N ASP B 115 32.57 -20.89 9.85
CA ASP B 115 33.12 -21.93 8.97
C ASP B 115 32.46 -23.28 9.20
N PHE B 116 32.16 -23.56 10.46
CA PHE B 116 31.90 -24.91 10.94
C PHE B 116 30.41 -25.28 10.84
N GLN B 117 29.56 -24.31 10.54
CA GLN B 117 28.12 -24.54 10.38
C GLN B 117 27.82 -25.00 8.94
N TYR B 118 28.42 -26.11 8.55
CA TYR B 118 28.47 -26.55 7.14
C TYR B 118 27.08 -26.86 6.57
N GLU B 119 26.20 -27.39 7.41
CA GLU B 119 24.82 -27.71 7.03
C GLU B 119 24.03 -26.47 6.61
N SER B 120 24.16 -25.40 7.39
CA SER B 120 23.51 -24.13 7.10
C SER B 120 24.16 -23.45 5.89
N LYS B 121 25.48 -23.51 5.83
CA LYS B 121 26.25 -22.88 4.77
C LYS B 121 25.80 -23.41 3.41
N VAL B 122 25.77 -24.75 3.27
CA VAL B 122 25.32 -25.35 2.02
C VAL B 122 23.87 -24.95 1.73
N PHE B 123 23.02 -24.97 2.76
CA PHE B 123 21.63 -24.65 2.57
C PHE B 123 21.44 -23.19 2.02
N TYR B 124 22.16 -22.24 2.60
CA TYR B 124 22.05 -20.86 2.20
C TYR B 124 22.67 -20.59 0.84
N LEU B 125 23.80 -21.23 0.53
CA LEU B 125 24.41 -21.05 -0.79
C LEU B 125 23.58 -21.66 -1.93
N LYS B 126 22.93 -22.79 -1.67
CA LYS B 126 22.00 -23.36 -2.65
C LYS B 126 20.86 -22.41 -2.84
N MET B 127 20.43 -21.78 -1.73
CA MET B 127 19.33 -20.87 -1.78
C MET B 127 19.72 -19.64 -2.62
N LYS B 128 20.95 -19.17 -2.44
CA LYS B 128 21.51 -18.05 -3.24
C LYS B 128 21.57 -18.51 -4.70
N GLY B 129 21.93 -19.78 -4.90
CA GLY B 129 21.96 -20.37 -6.24
C GLY B 129 20.58 -20.32 -6.86
N ASP B 130 19.58 -20.72 -6.07
CA ASP B 130 18.18 -20.79 -6.51
C ASP B 130 17.63 -19.41 -6.93
N TYR B 131 17.76 -18.39 -6.08
CA TYR B 131 17.23 -17.03 -6.38
C TYR B 131 17.95 -16.28 -7.45
N TYR B 132 19.25 -16.46 -7.59
CA TYR B 132 19.93 -15.97 -8.78
C TYR B 132 19.44 -16.70 -10.02
N ARG B 133 19.15 -18.00 -9.90
CA ARG B 133 18.55 -18.74 -11.01
C ARG B 133 17.16 -18.22 -11.44
N TYR B 134 16.35 -17.76 -10.48
CA TYR B 134 15.07 -17.18 -10.79
C TYR B 134 15.25 -15.83 -11.45
N LEU B 135 16.26 -15.06 -11.04
CA LEU B 135 16.58 -13.79 -11.74
C LEU B 135 17.02 -14.08 -13.17
N ALA B 136 17.83 -15.13 -13.38
CA ALA B 136 18.34 -15.48 -14.71
C ALA B 136 17.20 -15.84 -15.67
N GLU B 137 16.17 -16.49 -15.13
CA GLU B 137 14.97 -16.90 -15.90
C GLU B 137 14.31 -15.76 -16.65
N VAL B 138 14.43 -14.56 -16.12
CA VAL B 138 13.76 -13.39 -16.68
C VAL B 138 14.70 -12.24 -17.05
N ALA B 139 15.97 -12.36 -16.68
CA ALA B 139 17.01 -11.37 -17.01
C ALA B 139 17.20 -11.26 -18.49
N SER B 140 17.73 -10.11 -18.92
CA SER B 140 18.20 -9.97 -20.29
C SER B 140 19.61 -9.39 -20.35
N GLY B 141 20.38 -9.89 -21.30
CA GLY B 141 21.64 -9.27 -21.71
C GLY B 141 22.79 -9.40 -20.74
N GLU B 142 23.41 -8.26 -20.43
CA GLU B 142 24.53 -8.19 -19.50
C GLU B 142 24.07 -8.48 -18.07
N LYS B 143 22.88 -8.00 -17.68
CA LYS B 143 22.24 -8.41 -16.41
C LYS B 143 22.08 -9.93 -16.35
N LYS B 144 21.65 -10.54 -17.45
CA LYS B 144 21.48 -11.99 -17.47
C LYS B 144 22.83 -12.70 -17.19
N ASN B 145 23.90 -12.25 -17.82
CA ASN B 145 25.17 -12.94 -17.66
C ASN B 145 25.73 -12.81 -16.25
N SER B 146 25.44 -11.70 -15.59
CA SER B 146 25.85 -11.49 -14.20
C SER B 146 25.11 -12.39 -13.23
N VAL B 147 23.79 -12.50 -13.36
CA VAL B 147 23.02 -13.35 -12.43
C VAL B 147 23.21 -14.86 -12.70
N VAL B 148 23.48 -15.22 -13.96
CA VAL B 148 23.85 -16.58 -14.33
C VAL B 148 25.18 -16.96 -13.65
N GLU B 149 26.15 -16.04 -13.67
CA GLU B 149 27.46 -16.24 -13.08
C GLU B 149 27.40 -16.36 -11.58
N ALA B 150 26.61 -15.50 -10.96
CA ALA B 150 26.39 -15.56 -9.52
C ALA B 150 25.70 -16.85 -9.08
N SER B 151 24.67 -17.28 -9.81
CA SER B 151 24.03 -18.57 -9.53
C SER B 151 25.04 -19.69 -9.56
N GLU B 152 25.78 -19.81 -10.67
CA GLU B 152 26.72 -20.91 -10.78
C GLU B 152 27.80 -20.85 -9.71
N ALA B 153 28.34 -19.68 -9.40
CA ALA B 153 29.36 -19.58 -8.34
C ALA B 153 28.82 -20.01 -6.97
N ALA B 154 27.58 -19.65 -6.66
CA ALA B 154 26.94 -20.02 -5.38
C ALA B 154 26.75 -21.54 -5.30
N TYR B 155 26.14 -22.09 -6.34
CA TYR B 155 25.97 -23.53 -6.46
C TYR B 155 27.29 -24.33 -6.42
N LYS B 156 28.34 -23.81 -7.05
CA LYS B 156 29.64 -24.46 -7.03
C LYS B 156 30.21 -24.56 -5.61
N GLU B 157 30.18 -23.44 -4.87
CA GLU B 157 30.69 -23.37 -3.51
C GLU B 157 29.90 -24.30 -2.58
N ALA B 158 28.58 -24.20 -2.63
CA ALA B 158 27.67 -25.07 -1.86
C ALA B 158 28.03 -26.52 -2.10
N PHE B 159 28.27 -26.89 -3.34
CA PHE B 159 28.41 -28.29 -3.72
C PHE B 159 29.79 -28.82 -3.32
N GLU B 160 30.82 -28.00 -3.49
CA GLU B 160 32.17 -28.22 -2.96
C GLU B 160 32.17 -28.48 -1.45
N ILE B 161 31.50 -27.62 -0.69
CA ILE B 161 31.36 -27.83 0.76
C ILE B 161 30.56 -29.11 1.05
N SER B 162 29.52 -29.40 0.26
CA SER B 162 28.65 -30.56 0.53
C SER B 162 29.33 -31.92 0.29
N LYS B 163 30.12 -32.03 -0.78
CA LYS B 163 30.93 -33.21 -1.05
C LYS B 163 31.97 -33.42 0.04
N GLU B 164 32.45 -32.30 0.58
CA GLU B 164 33.50 -32.32 1.57
C GLU B 164 32.97 -32.72 2.94
N GLN B 165 31.77 -32.25 3.29
CA GLN B 165 31.22 -32.35 4.65
C GLN B 165 29.97 -33.25 4.83
N MET B 166 29.31 -33.65 3.75
CA MET B 166 28.02 -34.36 3.85
C MET B 166 28.09 -35.68 3.16
N GLN B 167 27.30 -36.61 3.64
CA GLN B 167 27.18 -37.90 2.98
C GLN B 167 26.35 -37.70 1.68
N PRO B 168 26.63 -38.52 0.63
CA PRO B 168 25.91 -38.48 -0.67
C PRO B 168 24.40 -38.59 -0.58
N THR B 169 23.88 -39.16 0.51
CA THR B 169 22.44 -39.30 0.83
C THR B 169 21.80 -38.17 1.65
N HIS B 170 22.60 -37.27 2.20
CA HIS B 170 22.05 -36.15 2.93
C HIS B 170 21.08 -35.44 1.98
N PRO B 171 19.82 -35.21 2.38
CA PRO B 171 18.84 -34.54 1.49
C PRO B 171 19.22 -33.13 0.98
N ILE B 172 19.93 -32.37 1.80
CA ILE B 172 20.34 -31.04 1.40
C ILE B 172 21.35 -31.16 0.24
N ARG B 173 22.24 -32.12 0.32
CA ARG B 173 23.16 -32.42 -0.78
C ARG B 173 22.43 -32.92 -2.03
N LEU B 174 21.47 -33.80 -1.82
CA LEU B 174 20.71 -34.35 -2.94
C LEU B 174 19.86 -33.27 -3.64
N GLY B 175 19.27 -32.38 -2.83
CA GLY B 175 18.44 -31.31 -3.35
C GLY B 175 19.23 -30.23 -4.04
N LEU B 176 20.41 -29.97 -3.53
CA LEU B 176 21.43 -29.12 -4.22
C LEU B 176 21.80 -29.70 -5.57
N ALA B 177 22.17 -30.99 -5.60
CA ALA B 177 22.51 -31.69 -6.86
C ALA B 177 21.35 -31.57 -7.85
N LEU B 178 20.14 -31.72 -7.33
CA LEU B 178 18.94 -31.64 -8.12
C LEU B 178 18.79 -30.28 -8.78
N ASN B 179 18.88 -29.20 -8.00
CA ASN B 179 18.64 -27.83 -8.48
C ASN B 179 19.81 -27.33 -9.35
N PHE B 180 21.00 -27.81 -9.00
CA PHE B 180 22.19 -27.44 -9.71
C PHE B 180 22.16 -28.10 -11.11
N SER B 181 21.73 -29.37 -11.20
CA SER B 181 21.55 -29.98 -12.53
C SER B 181 20.53 -29.22 -13.38
N VAL B 182 19.46 -28.74 -12.73
CA VAL B 182 18.40 -27.95 -13.41
C VAL B 182 18.94 -26.58 -13.88
N PHE B 183 19.85 -26.00 -13.11
CA PHE B 183 20.61 -24.84 -13.59
C PHE B 183 21.30 -25.13 -14.94
N TYR B 184 22.04 -26.23 -15.00
CA TYR B 184 22.74 -26.57 -16.22
C TYR B 184 21.77 -26.86 -17.33
N TYR B 185 20.70 -27.61 -17.02
CA TYR B 185 19.80 -27.99 -18.04
C TYR B 185 19.13 -26.76 -18.64
N GLU B 186 18.41 -25.99 -17.82
CA GLU B 186 17.57 -24.94 -18.39
C GLU B 186 18.08 -23.52 -18.37
N ILE B 187 19.19 -23.24 -17.68
CA ILE B 187 19.74 -21.90 -17.69
C ILE B 187 20.95 -21.82 -18.62
N GLN B 188 21.89 -22.75 -18.40
CA GLN B 188 23.13 -22.84 -19.18
C GLN B 188 22.96 -23.66 -20.46
N ASN B 189 21.79 -24.29 -20.60
CA ASN B 189 21.50 -25.22 -21.71
C ASN B 189 22.65 -26.20 -21.97
N ALA B 190 23.15 -26.81 -20.90
CA ALA B 190 24.15 -27.88 -20.95
C ALA B 190 23.51 -29.23 -20.61
N PRO B 191 22.79 -29.85 -21.57
CA PRO B 191 22.05 -31.08 -21.28
C PRO B 191 22.94 -32.18 -20.72
N GLU B 192 24.14 -32.32 -21.29
CA GLU B 192 25.09 -33.37 -20.91
C GLU B 192 25.66 -33.10 -19.54
N GLN B 193 26.06 -31.86 -19.29
CA GLN B 193 26.59 -31.50 -17.99
C GLN B 193 25.52 -31.69 -16.88
N ALA B 194 24.29 -31.28 -17.19
CA ALA B 194 23.16 -31.46 -16.30
C ALA B 194 22.96 -32.92 -15.99
N CYS B 195 22.97 -33.76 -17.03
CA CYS B 195 22.65 -35.17 -16.89
C CYS B 195 23.70 -35.88 -16.08
N LEU B 196 24.94 -35.50 -16.28
CA LEU B 196 26.07 -36.17 -15.64
C LEU B 196 26.13 -35.83 -14.17
N LEU B 197 25.84 -34.58 -13.85
CA LEU B 197 25.71 -34.12 -12.46
C LEU B 197 24.58 -34.83 -11.70
N ALA B 198 23.36 -34.82 -12.20
CA ALA B 198 22.25 -35.64 -11.61
C ALA B 198 22.59 -37.14 -11.52
N LYS B 199 23.18 -37.69 -12.58
CA LYS B 199 23.62 -39.08 -12.60
C LYS B 199 24.71 -39.38 -11.56
N GLN B 200 25.73 -38.52 -11.44
CA GLN B 200 26.76 -38.74 -10.42
C GLN B 200 26.17 -38.69 -9.00
N ALA B 201 25.34 -37.72 -8.71
CA ALA B 201 24.70 -37.65 -7.37
C ALA B 201 23.78 -38.85 -7.04
N PHE B 202 22.98 -39.31 -7.99
CA PHE B 202 22.20 -40.54 -7.80
C PHE B 202 23.09 -41.75 -7.52
N ASP B 203 24.04 -42.03 -8.43
CA ASP B 203 24.99 -43.12 -8.29
C ASP B 203 25.67 -43.06 -6.95
N ASP B 204 26.16 -41.88 -6.63
CA ASP B 204 26.88 -41.65 -5.36
C ASP B 204 25.97 -41.87 -4.13
N ALA B 205 24.68 -41.55 -4.23
CA ALA B 205 23.78 -41.86 -3.12
C ALA B 205 23.56 -43.40 -2.95
N ILE B 206 23.32 -44.14 -4.03
CA ILE B 206 23.04 -45.58 -3.89
C ILE B 206 24.25 -46.43 -3.50
N ALA B 207 25.46 -45.97 -3.86
CA ALA B 207 26.68 -46.60 -3.42
C ALA B 207 26.75 -46.60 -1.89
N GLU B 208 26.10 -45.64 -1.27
CA GLU B 208 26.24 -45.38 0.14
C GLU B 208 24.88 -45.38 0.83
N LEU B 209 24.02 -46.31 0.41
CA LEU B 209 22.67 -46.47 1.00
C LEU B 209 22.75 -46.67 2.50
N ASP B 210 23.83 -47.33 2.93
CA ASP B 210 24.09 -47.61 4.35
C ASP B 210 24.16 -46.34 5.20
N THR B 211 24.37 -45.20 4.54
CA THR B 211 24.46 -43.91 5.23
C THR B 211 23.07 -43.35 5.52
N LEU B 212 22.02 -43.97 4.98
CA LEU B 212 20.66 -43.50 5.23
C LEU B 212 20.31 -43.42 6.72
N ASN B 213 19.47 -42.43 7.01
CA ASN B 213 19.28 -41.84 8.32
C ASN B 213 17.82 -41.99 8.77
N GLU B 214 17.60 -42.37 10.03
CA GLU B 214 16.23 -42.48 10.56
C GLU B 214 15.35 -41.25 10.38
N ASP B 215 15.91 -40.06 10.52
CA ASP B 215 15.05 -38.86 10.49
C ASP B 215 14.92 -38.22 9.09
N SER B 216 15.69 -38.70 8.11
CA SER B 216 15.61 -38.16 6.77
C SER B 216 15.60 -39.19 5.60
N TYR B 217 15.48 -40.48 5.89
CA TYR B 217 15.53 -41.49 4.80
C TYR B 217 14.45 -41.30 3.73
N LYS B 218 13.29 -40.79 4.14
CA LYS B 218 12.18 -40.57 3.23
C LYS B 218 12.45 -39.46 2.24
N ASP B 219 12.98 -38.37 2.78
CA ASP B 219 13.41 -37.26 1.99
C ASP B 219 14.57 -37.65 1.05
N SER B 220 15.54 -38.42 1.52
CA SER B 220 16.63 -38.84 0.65
C SER B 220 16.07 -39.59 -0.55
N THR B 221 15.24 -40.59 -0.29
CA THR B 221 14.74 -41.45 -1.34
C THR B 221 13.76 -40.69 -2.24
N LEU B 222 13.02 -39.75 -1.66
CA LEU B 222 12.20 -38.82 -2.43
C LEU B 222 13.03 -38.15 -3.52
N ILE B 223 14.09 -37.47 -3.14
CA ILE B 223 14.90 -36.64 -4.05
C ILE B 223 15.74 -37.45 -5.05
N MET B 224 16.17 -38.63 -4.63
CA MET B 224 16.76 -39.63 -5.51
C MET B 224 15.81 -39.95 -6.66
N GLN B 225 14.51 -40.12 -6.36
CA GLN B 225 13.51 -40.38 -7.43
C GLN B 225 13.39 -39.16 -8.32
N LEU B 226 13.40 -37.96 -7.75
CA LEU B 226 13.35 -36.75 -8.59
C LEU B 226 14.57 -36.61 -9.49
N LEU B 227 15.78 -36.92 -8.98
CA LEU B 227 16.96 -36.98 -9.86
C LEU B 227 16.69 -37.93 -11.03
N ARG B 228 16.28 -39.14 -10.68
CA ARG B 228 15.93 -40.18 -11.62
C ARG B 228 14.93 -39.66 -12.67
N ASP B 229 13.86 -38.99 -12.25
CA ASP B 229 12.78 -38.54 -13.18
C ASP B 229 13.28 -37.59 -14.25
N ASN B 230 14.04 -36.58 -13.84
CA ASN B 230 14.72 -35.66 -14.74
C ASN B 230 15.69 -36.36 -15.67
N LEU B 231 16.40 -37.35 -15.14
CA LEU B 231 17.31 -38.15 -15.96
C LEU B 231 16.55 -38.85 -17.08
N THR B 232 15.47 -39.55 -16.75
CA THR B 232 14.76 -40.30 -17.78
C THR B 232 14.02 -39.33 -18.74
N LEU B 233 13.52 -38.21 -18.23
CA LEU B 233 12.95 -37.14 -19.07
C LEU B 233 13.99 -36.54 -20.03
N TRP B 234 15.17 -36.22 -19.50
CA TRP B 234 16.22 -35.54 -20.27
C TRP B 234 16.85 -36.42 -21.32
N THR B 235 17.21 -37.63 -20.93
CA THR B 235 17.88 -38.58 -21.82
C THR B 235 16.94 -39.15 -22.89
N SER B 236 15.64 -39.19 -22.61
CA SER B 236 14.65 -39.69 -23.57
C SER B 236 13.71 -38.56 -24.01
N ASP C 4 -21.05 6.81 3.51
CA ASP C 4 -22.32 7.64 3.61
C ASP C 4 -21.95 9.13 3.45
N ARG C 5 -22.84 9.90 2.82
CA ARG C 5 -22.46 11.23 2.32
C ARG C 5 -22.03 12.22 3.42
N GLU C 6 -22.87 12.29 4.46
CA GLU C 6 -22.65 13.18 5.56
C GLU C 6 -21.40 12.76 6.37
N GLN C 7 -21.18 11.45 6.58
CA GLN C 7 -19.90 10.88 7.13
C GLN C 7 -18.66 11.24 6.24
N LEU C 8 -18.82 11.13 4.92
CA LEU C 8 -17.73 11.47 4.00
C LEU C 8 -17.33 12.94 4.08
N LEU C 9 -18.33 13.82 4.13
CA LEU C 9 -18.12 15.26 4.19
C LEU C 9 -17.52 15.73 5.54
N GLN C 10 -17.96 15.15 6.65
CA GLN C 10 -17.34 15.38 7.95
C GLN C 10 -15.88 14.90 7.99
N ARG C 11 -15.59 13.71 7.50
CA ARG C 11 -14.19 13.27 7.29
C ARG C 11 -13.34 14.29 6.53
N ALA C 12 -13.86 14.78 5.39
CA ALA C 12 -13.18 15.80 4.59
C ALA C 12 -12.90 17.07 5.40
N ARG C 13 -13.85 17.52 6.21
CA ARG C 13 -13.66 18.78 6.92
C ARG C 13 -12.60 18.58 8.05
N LEU C 14 -12.64 17.42 8.70
CA LEU C 14 -11.64 17.03 9.71
C LEU C 14 -10.26 16.82 9.11
N ALA C 15 -10.21 16.13 7.98
CA ALA C 15 -8.97 15.95 7.27
C ALA C 15 -8.31 17.27 6.92
N GLU C 16 -9.13 18.21 6.42
CA GLU C 16 -8.69 19.56 6.13
C GLU C 16 -8.05 20.25 7.32
N GLN C 17 -8.73 20.26 8.45
CA GLN C 17 -8.21 20.85 9.68
C GLN C 17 -6.86 20.22 10.11
N ALA C 18 -6.78 18.90 9.99
CA ALA C 18 -5.60 18.13 10.35
C ALA C 18 -4.49 18.21 9.32
N GLU C 19 -4.75 18.91 8.21
CA GLU C 19 -3.89 18.97 7.05
C GLU C 19 -3.54 17.61 6.50
N ARG C 20 -4.54 16.75 6.43
CA ARG C 20 -4.39 15.45 5.84
C ARG C 20 -5.13 15.37 4.49
N TYR C 21 -4.43 15.81 3.44
CA TYR C 21 -5.13 16.19 2.22
C TYR C 21 -5.36 15.00 1.34
N ASP C 22 -4.58 13.92 1.54
CA ASP C 22 -4.88 12.66 0.87
C ASP C 22 -6.17 12.04 1.45
N ASP C 23 -6.38 12.13 2.77
CA ASP C 23 -7.67 11.74 3.34
C ASP C 23 -8.80 12.63 2.76
N MET C 24 -8.58 13.94 2.77
CA MET C 24 -9.58 14.90 2.32
C MET C 24 -10.01 14.57 0.92
N ALA C 25 -9.00 14.39 0.03
CA ALA C 25 -9.19 14.06 -1.39
C ALA C 25 -9.90 12.70 -1.56
N SER C 26 -9.50 11.67 -0.82
CA SER C 26 -10.26 10.40 -0.93
C SER C 26 -11.71 10.58 -0.52
N ALA C 27 -11.96 11.37 0.51
CA ALA C 27 -13.34 11.54 1.01
C ALA C 27 -14.21 12.26 -0.05
N MET C 28 -13.68 13.33 -0.66
CA MET C 28 -14.40 14.11 -1.68
C MET C 28 -14.52 13.44 -3.03
N LYS C 29 -13.53 12.64 -3.42
CA LYS C 29 -13.74 11.66 -4.53
C LYS C 29 -14.94 10.74 -4.33
N ALA C 30 -15.05 10.16 -3.14
CA ALA C 30 -16.14 9.29 -2.83
C ALA C 30 -17.46 10.02 -2.79
N VAL C 31 -17.45 11.27 -2.32
CA VAL C 31 -18.67 12.11 -2.35
C VAL C 31 -19.12 12.30 -3.81
N THR C 32 -18.15 12.58 -4.69
CA THR C 32 -18.43 12.92 -6.07
C THR C 32 -19.01 11.67 -6.78
N GLU C 33 -18.47 10.51 -6.41
CA GLU C 33 -18.94 9.29 -6.97
C GLU C 33 -20.37 8.90 -6.56
N LEU C 34 -20.94 9.51 -5.52
CA LEU C 34 -22.38 9.27 -5.25
C LEU C 34 -23.31 9.79 -6.38
N ASN C 35 -22.73 10.54 -7.30
CA ASN C 35 -23.43 11.04 -8.47
C ASN C 35 -24.56 12.02 -8.14
N GLU C 36 -24.46 12.71 -7.01
CA GLU C 36 -25.44 13.75 -6.62
C GLU C 36 -24.73 15.09 -6.80
N PRO C 37 -25.49 16.18 -7.05
CA PRO C 37 -24.84 17.49 -7.25
C PRO C 37 -24.03 17.92 -6.04
N LEU C 38 -22.92 18.62 -6.25
CA LEU C 38 -22.20 19.24 -5.14
C LEU C 38 -22.69 20.65 -4.91
N SER C 39 -22.89 20.97 -3.65
CA SER C 39 -23.19 22.31 -3.27
C SER C 39 -21.91 23.13 -3.34
N ASN C 40 -22.08 24.45 -3.31
CA ASN C 40 -20.95 25.38 -3.30
C ASN C 40 -19.89 25.01 -2.28
N GLU C 41 -20.34 24.76 -1.07
CA GLU C 41 -19.47 24.29 0.01
C GLU C 41 -18.75 22.96 -0.31
N ASP C 42 -19.50 22.00 -0.88
CA ASP C 42 -18.94 20.69 -1.22
C ASP C 42 -17.84 20.83 -2.30
N ARG C 43 -18.09 21.63 -3.32
CA ARG C 43 -17.11 21.75 -4.37
C ARG C 43 -15.88 22.54 -3.96
N ASN C 44 -15.99 23.46 -3.00
CA ASN C 44 -14.83 24.05 -2.41
C ASN C 44 -13.97 23.03 -1.63
N LEU C 45 -14.62 22.11 -0.93
CA LEU C 45 -13.88 21.04 -0.27
C LEU C 45 -13.13 20.20 -1.29
N LEU C 46 -13.84 19.83 -2.37
CA LEU C 46 -13.23 19.06 -3.45
C LEU C 46 -12.00 19.77 -4.05
N SER C 47 -12.21 21.02 -4.42
CA SER C 47 -11.15 21.86 -4.98
C SER C 47 -9.95 22.00 -4.02
N VAL C 48 -10.22 22.28 -2.74
CA VAL C 48 -9.18 22.50 -1.74
C VAL C 48 -8.36 21.22 -1.55
N ALA C 49 -9.04 20.07 -1.45
CA ALA C 49 -8.36 18.78 -1.29
C ALA C 49 -7.33 18.53 -2.40
N TYR C 50 -7.80 18.58 -3.64
CA TYR C 50 -6.95 18.29 -4.76
C TYR C 50 -5.93 19.37 -5.04
N LYS C 51 -6.26 20.60 -4.71
CA LYS C 51 -5.36 21.71 -4.85
C LYS C 51 -4.12 21.41 -4.04
N ASN C 52 -4.37 20.97 -2.83
CA ASN C 52 -3.31 20.70 -1.89
C ASN C 52 -2.50 19.44 -2.19
N VAL C 53 -3.19 18.38 -2.60
CA VAL C 53 -2.55 17.11 -2.96
C VAL C 53 -1.64 17.30 -4.20
N VAL C 54 -2.17 17.92 -5.25
CA VAL C 54 -1.38 18.22 -6.46
C VAL C 54 -0.27 19.25 -6.17
N GLY C 55 -0.54 20.19 -5.29
CA GLY C 55 0.43 21.25 -5.00
C GLY C 55 1.67 20.75 -4.29
N ALA C 56 1.48 19.74 -3.42
CA ALA C 56 2.60 19.07 -2.77
C ALA C 56 3.51 18.39 -3.77
N ARG C 57 2.91 17.68 -4.73
CA ARG C 57 3.66 17.03 -5.79
C ARG C 57 4.31 18.08 -6.72
N ARG C 58 3.58 19.16 -7.06
CA ARG C 58 4.14 20.29 -7.82
C ARG C 58 5.40 20.94 -7.15
N SER C 59 5.28 21.24 -5.88
CA SER C 59 6.43 21.77 -5.16
C SER C 59 7.61 20.83 -5.21
N SER C 60 7.35 19.55 -4.97
CA SER C 60 8.38 18.49 -4.97
C SER C 60 9.06 18.36 -6.30
N TRP C 61 8.24 18.28 -7.34
CA TRP C 61 8.69 18.28 -8.71
C TRP C 61 9.62 19.49 -9.02
N ARG C 62 9.19 20.70 -8.65
CA ARG C 62 10.05 21.87 -8.86
C ARG C 62 11.40 21.72 -8.15
N VAL C 63 11.37 21.34 -6.87
CA VAL C 63 12.60 21.22 -6.10
C VAL C 63 13.64 20.26 -6.72
N ILE C 64 13.14 19.11 -7.17
CA ILE C 64 13.97 18.03 -7.66
C ILE C 64 14.50 18.46 -9.01
N SER C 65 13.63 19.09 -9.80
CA SER C 65 13.99 19.67 -11.13
C SER C 65 15.12 20.72 -11.05
N SER C 66 15.02 21.63 -10.09
CA SER C 66 16.13 22.54 -9.72
C SER C 66 17.42 21.79 -9.33
N ILE C 67 17.31 20.79 -8.47
CA ILE C 67 18.47 19.99 -8.13
C ILE C 67 19.07 19.31 -9.39
N GLU C 68 18.22 18.76 -10.23
CA GLU C 68 18.68 18.10 -11.48
C GLU C 68 19.43 19.09 -12.38
N GLN C 69 18.88 20.31 -12.50
CA GLN C 69 19.57 21.36 -13.29
C GLN C 69 20.99 21.61 -12.72
N LYS C 70 21.08 21.78 -11.40
CA LYS C 70 22.38 22.00 -10.71
C LYS C 70 23.35 20.86 -10.94
N THR C 71 22.81 19.64 -10.88
CA THR C 71 23.58 18.40 -11.03
C THR C 71 24.09 18.27 -12.50
N MET C 72 23.23 18.55 -13.48
CA MET C 72 23.68 18.66 -14.87
C MET C 72 24.87 19.65 -15.02
N ALA C 73 24.65 20.87 -14.50
CA ALA C 73 25.60 21.96 -14.59
C ALA C 73 26.95 21.67 -13.90
N ASP C 74 26.95 20.79 -12.90
CA ASP C 74 28.21 20.37 -12.22
C ASP C 74 28.96 19.24 -12.97
N GLY C 75 28.33 18.65 -13.98
CA GLY C 75 28.92 17.52 -14.72
C GLY C 75 28.95 16.18 -13.98
N ASN C 76 28.03 15.97 -13.04
CA ASN C 76 27.98 14.74 -12.25
C ASN C 76 26.91 13.75 -12.77
N GLU C 77 27.27 12.87 -13.73
CA GLU C 77 26.25 12.05 -14.42
C GLU C 77 25.68 10.90 -13.58
N LYS C 78 26.56 10.22 -12.82
CA LYS C 78 26.15 9.18 -11.83
C LYS C 78 24.93 9.63 -11.05
N LYS C 79 25.08 10.81 -10.42
CA LYS C 79 24.01 11.44 -9.62
C LYS C 79 22.82 11.81 -10.49
N LEU C 80 23.12 12.40 -11.64
CA LEU C 80 22.08 12.84 -12.57
C LEU C 80 21.09 11.70 -12.87
N GLU C 81 21.57 10.50 -13.19
CA GLU C 81 20.71 9.31 -13.42
C GLU C 81 19.63 9.16 -12.37
N LYS C 82 20.04 9.15 -11.11
CA LYS C 82 19.13 8.96 -9.95
C LYS C 82 18.19 10.12 -9.66
N VAL C 83 18.66 11.36 -9.87
CA VAL C 83 17.88 12.57 -9.61
C VAL C 83 16.76 12.62 -10.66
N LYS C 84 17.12 12.22 -11.87
CA LYS C 84 16.18 12.09 -12.97
C LYS C 84 15.09 11.06 -12.66
N ALA C 85 15.51 9.87 -12.26
CA ALA C 85 14.61 8.79 -11.85
C ALA C 85 13.63 9.24 -10.78
N TYR C 86 14.08 10.01 -9.80
CA TYR C 86 13.19 10.42 -8.70
C TYR C 86 12.20 11.50 -9.16
N ARG C 87 12.71 12.42 -9.97
CA ARG C 87 11.85 13.39 -10.68
C ARG C 87 10.71 12.70 -11.41
N GLU C 88 11.04 11.68 -12.19
CA GLU C 88 10.04 10.89 -12.95
C GLU C 88 9.06 10.13 -12.03
N LYS C 89 9.49 9.73 -10.83
CA LYS C 89 8.62 9.04 -9.85
C LYS C 89 7.51 10.00 -9.39
N ILE C 90 7.94 11.20 -9.03
CA ILE C 90 7.08 12.30 -8.62
C ILE C 90 6.13 12.74 -9.73
N GLU C 91 6.67 12.80 -10.97
CA GLU C 91 5.87 13.08 -12.16
C GLU C 91 4.73 12.14 -12.36
N LYS C 92 5.02 10.83 -12.36
CA LYS C 92 3.94 9.84 -12.46
C LYS C 92 2.85 10.05 -11.38
N GLU C 93 3.24 10.22 -10.11
CA GLU C 93 2.29 10.59 -9.04
C GLU C 93 1.39 11.80 -9.32
N LEU C 94 2.03 12.86 -9.73
CA LEU C 94 1.36 14.09 -10.18
C LEU C 94 0.34 13.86 -11.30
N GLU C 95 0.74 13.16 -12.33
CA GLU C 95 -0.14 12.77 -13.42
C GLU C 95 -1.36 11.95 -12.99
N THR C 96 -1.15 10.98 -12.09
CA THR C 96 -2.27 10.19 -11.53
C THR C 96 -3.25 11.07 -10.79
N VAL C 97 -2.76 11.99 -9.98
CA VAL C 97 -3.66 12.92 -9.26
C VAL C 97 -4.52 13.71 -10.27
N CYS C 98 -3.88 14.26 -11.31
CA CYS C 98 -4.56 15.05 -12.36
C CYS C 98 -5.52 14.18 -13.17
N ASN C 99 -5.09 12.98 -13.54
CA ASN C 99 -5.98 12.02 -14.16
C ASN C 99 -7.17 11.63 -13.30
N ASP C 100 -6.98 11.48 -11.98
CA ASP C 100 -8.15 11.30 -11.09
C ASP C 100 -9.15 12.44 -11.14
N VAL C 101 -8.67 13.68 -11.03
CA VAL C 101 -9.52 14.87 -11.01
C VAL C 101 -10.22 15.02 -12.34
N LEU C 102 -9.46 14.85 -13.44
CA LEU C 102 -10.02 14.98 -14.77
C LEU C 102 -11.09 13.94 -15.01
N SER C 103 -10.91 12.74 -14.47
CA SER C 103 -11.90 11.68 -14.65
C SER C 103 -13.19 11.97 -13.88
N LEU C 104 -13.07 12.47 -12.65
CA LEU C 104 -14.26 12.85 -11.87
C LEU C 104 -15.06 13.93 -12.57
N LEU C 105 -14.36 14.89 -13.18
CA LEU C 105 -15.00 16.01 -13.88
C LEU C 105 -15.74 15.52 -15.11
N ASP C 106 -15.12 14.57 -15.79
CA ASP C 106 -15.65 13.99 -17.00
C ASP C 106 -16.79 13.01 -16.73
N LYS C 107 -16.72 12.23 -15.66
CA LYS C 107 -17.69 11.17 -15.46
C LYS C 107 -18.88 11.56 -14.58
N PHE C 108 -18.75 12.65 -13.83
CA PHE C 108 -19.73 13.06 -12.82
C PHE C 108 -20.04 14.53 -12.84
N LEU C 109 -19.02 15.37 -12.70
CA LEU C 109 -19.29 16.78 -12.38
C LEU C 109 -19.77 17.61 -13.56
N ILE C 110 -18.97 17.69 -14.62
CA ILE C 110 -19.37 18.40 -15.84
C ILE C 110 -20.55 17.70 -16.51
N LYS C 111 -20.46 16.38 -16.61
CA LYS C 111 -21.54 15.54 -17.15
C LYS C 111 -22.93 15.96 -16.61
N ASN C 112 -23.09 16.03 -15.30
CA ASN C 112 -24.41 16.19 -14.67
C ASN C 112 -24.91 17.63 -14.55
N CYS C 113 -24.15 18.59 -15.09
CA CYS C 113 -24.60 19.99 -15.09
C CYS C 113 -25.79 20.20 -16.04
N ASN C 114 -26.85 20.84 -15.52
CA ASN C 114 -28.01 21.21 -16.34
C ASN C 114 -27.64 22.38 -17.24
N ASP C 115 -28.49 22.58 -18.25
CA ASP C 115 -28.32 23.67 -19.20
C ASP C 115 -28.20 25.03 -18.49
N PHE C 116 -28.85 25.14 -17.33
CA PHE C 116 -28.94 26.39 -16.57
C PHE C 116 -28.07 26.47 -15.28
N GLN C 117 -27.32 25.42 -14.93
CA GLN C 117 -26.44 25.48 -13.77
C GLN C 117 -25.05 26.06 -14.12
N TYR C 118 -25.07 27.31 -14.58
CA TYR C 118 -23.89 27.99 -15.17
C TYR C 118 -22.69 28.17 -14.19
N GLU C 119 -22.97 28.41 -12.92
CA GLU C 119 -21.94 28.70 -11.96
C GLU C 119 -21.10 27.41 -11.79
N SER C 120 -21.79 26.28 -11.68
CA SER C 120 -21.18 24.95 -11.51
C SER C 120 -20.38 24.56 -12.77
N LYS C 121 -21.00 24.75 -13.93
CA LYS C 121 -20.32 24.56 -15.21
C LYS C 121 -19.03 25.32 -15.32
N VAL C 122 -19.06 26.61 -14.99
CA VAL C 122 -17.88 27.44 -15.06
C VAL C 122 -16.81 26.93 -14.06
N PHE C 123 -17.24 26.54 -12.87
CA PHE C 123 -16.31 26.09 -11.82
C PHE C 123 -15.53 24.81 -12.22
N TYR C 124 -16.26 23.85 -12.74
CA TYR C 124 -15.75 22.57 -13.14
C TYR C 124 -14.84 22.64 -14.38
N LEU C 125 -15.24 23.43 -15.36
CA LEU C 125 -14.44 23.63 -16.57
C LEU C 125 -13.17 24.41 -16.29
N LYS C 126 -13.24 25.37 -15.38
CA LYS C 126 -12.04 26.04 -14.90
C LYS C 126 -11.12 25.01 -14.29
N MET C 127 -11.66 24.18 -13.39
CA MET C 127 -10.89 23.10 -12.76
C MET C 127 -10.24 22.17 -13.79
N LYS C 128 -11.03 21.79 -14.80
CA LYS C 128 -10.53 21.04 -15.96
C LYS C 128 -9.37 21.77 -16.66
N GLY C 129 -9.48 23.07 -16.86
CA GLY C 129 -8.36 23.88 -17.35
C GLY C 129 -7.12 23.81 -16.44
N ASP C 130 -7.35 23.93 -15.15
CA ASP C 130 -6.29 23.93 -14.11
C ASP C 130 -5.52 22.65 -14.14
N TYR C 131 -6.21 21.51 -14.13
CA TYR C 131 -5.53 20.19 -14.11
C TYR C 131 -4.80 19.77 -15.39
N TYR C 132 -5.36 20.08 -16.54
CA TYR C 132 -4.58 20.04 -17.76
C TYR C 132 -3.37 20.93 -17.78
N ARG C 133 -3.50 22.09 -17.15
CA ARG C 133 -2.37 22.99 -16.99
C ARG C 133 -1.24 22.42 -16.13
N TYR C 134 -1.58 21.80 -15.00
CA TYR C 134 -0.59 21.13 -14.13
C TYR C 134 0.09 19.98 -14.86
N LEU C 135 -0.68 19.25 -15.66
CA LEU C 135 -0.07 18.27 -16.54
C LEU C 135 0.89 18.92 -17.54
N ALA C 136 0.49 20.05 -18.10
CA ALA C 136 1.33 20.76 -19.08
C ALA C 136 2.66 21.25 -18.48
N GLU C 137 2.65 21.51 -17.17
CA GLU C 137 3.85 22.01 -16.49
C GLU C 137 5.01 21.00 -16.52
N VAL C 138 4.69 19.72 -16.63
CA VAL C 138 5.67 18.63 -16.51
C VAL C 138 5.75 17.76 -17.81
N ALA C 139 4.81 17.92 -18.71
CA ALA C 139 4.77 17.16 -19.96
C ALA C 139 5.91 17.60 -20.87
N SER C 140 6.30 16.67 -21.75
CA SER C 140 7.27 16.92 -22.79
C SER C 140 6.66 16.55 -24.15
N GLY C 141 7.29 16.99 -25.23
CA GLY C 141 7.00 16.47 -26.59
C GLY C 141 5.55 16.49 -27.09
N GLU C 142 5.05 15.30 -27.48
CA GLU C 142 3.71 15.16 -28.09
C GLU C 142 2.65 15.23 -27.04
N LYS C 143 2.87 14.53 -25.93
CA LYS C 143 2.00 14.67 -24.76
C LYS C 143 1.73 16.15 -24.44
N LYS C 144 2.79 16.97 -24.44
CA LYS C 144 2.69 18.39 -24.04
C LYS C 144 1.75 19.16 -24.94
N ASN C 145 1.95 19.07 -26.27
CA ASN C 145 1.10 19.81 -27.22
C ASN C 145 -0.41 19.50 -26.96
N SER C 146 -0.72 18.25 -26.59
CA SER C 146 -2.09 17.81 -26.35
C SER C 146 -2.70 18.33 -25.06
N VAL C 147 -1.99 18.27 -23.93
CA VAL C 147 -2.53 18.82 -22.68
C VAL C 147 -2.57 20.37 -22.66
N VAL C 148 -1.67 21.03 -23.42
CA VAL C 148 -1.68 22.48 -23.57
C VAL C 148 -3.01 22.86 -24.25
N GLU C 149 -3.33 22.13 -25.32
CA GLU C 149 -4.52 22.43 -26.13
C GLU C 149 -5.77 22.18 -25.32
N ALA C 150 -5.82 21.04 -24.64
CA ALA C 150 -6.99 20.74 -23.78
C ALA C 150 -7.18 21.76 -22.62
N SER C 151 -6.09 22.31 -22.08
CA SER C 151 -6.19 23.31 -21.00
C SER C 151 -6.88 24.53 -21.53
N GLU C 152 -6.39 25.00 -22.67
CA GLU C 152 -6.94 26.17 -23.32
C GLU C 152 -8.41 25.95 -23.69
N ALA C 153 -8.74 24.78 -24.28
CA ALA C 153 -10.12 24.47 -24.69
C ALA C 153 -11.06 24.59 -23.51
N ALA C 154 -10.64 24.08 -22.36
CA ALA C 154 -11.54 24.02 -21.23
C ALA C 154 -11.74 25.44 -20.60
N TYR C 155 -10.67 26.19 -20.50
CA TYR C 155 -10.73 27.57 -20.00
C TYR C 155 -11.57 28.47 -20.84
N LYS C 156 -11.38 28.33 -22.16
CA LYS C 156 -12.13 29.10 -23.16
C LYS C 156 -13.64 28.86 -23.10
N GLU C 157 -14.06 27.60 -23.06
CA GLU C 157 -15.47 27.32 -22.85
C GLU C 157 -15.97 27.90 -21.50
N ALA C 158 -15.20 27.67 -20.42
CA ALA C 158 -15.55 28.26 -19.13
C ALA C 158 -15.74 29.80 -19.19
N PHE C 159 -14.82 30.46 -19.88
CA PHE C 159 -14.80 31.90 -19.91
C PHE C 159 -15.93 32.50 -20.78
N GLU C 160 -16.25 31.85 -21.89
CA GLU C 160 -17.42 32.19 -22.69
C GLU C 160 -18.70 32.11 -21.85
N ILE C 161 -18.91 31.01 -21.15
CA ILE C 161 -20.10 30.89 -20.29
C ILE C 161 -20.09 31.96 -19.15
N SER C 162 -18.93 32.19 -18.51
CA SER C 162 -18.87 33.21 -17.44
C SER C 162 -19.31 34.57 -17.96
N LYS C 163 -18.78 34.96 -19.12
CA LYS C 163 -19.11 36.27 -19.69
C LYS C 163 -20.58 36.41 -20.08
N GLU C 164 -21.21 35.31 -20.50
CA GLU C 164 -22.62 35.33 -20.89
C GLU C 164 -23.49 35.28 -19.64
N GLN C 165 -23.02 34.58 -18.60
CA GLN C 165 -23.85 34.27 -17.42
C GLN C 165 -23.50 34.90 -16.05
N MET C 166 -22.30 35.46 -15.91
CA MET C 166 -21.88 35.98 -14.59
C MET C 166 -21.49 37.44 -14.67
N GLN C 167 -21.64 38.15 -13.56
CA GLN C 167 -21.19 39.55 -13.51
C GLN C 167 -19.65 39.56 -13.42
N PRO C 168 -18.98 40.64 -13.90
CA PRO C 168 -17.53 40.76 -13.90
C PRO C 168 -16.89 40.71 -12.52
N THR C 169 -17.67 41.01 -11.49
CA THR C 169 -17.25 40.90 -10.11
C THR C 169 -17.45 39.50 -9.50
N HIS C 170 -18.05 38.54 -10.24
CA HIS C 170 -18.27 37.19 -9.64
C HIS C 170 -16.94 36.56 -9.37
N PRO C 171 -16.66 36.17 -8.12
CA PRO C 171 -15.36 35.53 -7.79
C PRO C 171 -14.91 34.32 -8.67
N ILE C 172 -15.86 33.49 -9.08
CA ILE C 172 -15.55 32.36 -9.94
C ILE C 172 -15.02 32.86 -11.30
N ARG C 173 -15.73 33.85 -11.86
CA ARG C 173 -15.34 34.48 -13.10
C ARG C 173 -13.97 35.16 -12.99
N LEU C 174 -13.80 35.97 -11.94
CA LEU C 174 -12.54 36.58 -11.67
C LEU C 174 -11.41 35.56 -11.48
N GLY C 175 -11.67 34.51 -10.71
CA GLY C 175 -10.63 33.47 -10.47
C GLY C 175 -10.23 32.70 -11.73
N LEU C 176 -11.20 32.53 -12.63
CA LEU C 176 -10.97 31.95 -13.93
C LEU C 176 -10.09 32.84 -14.82
N ALA C 177 -10.40 34.16 -14.91
CA ALA C 177 -9.57 35.09 -15.71
C ALA C 177 -8.15 35.04 -15.21
N LEU C 178 -8.03 35.02 -13.89
CA LEU C 178 -6.74 34.86 -13.21
C LEU C 178 -5.96 33.66 -13.69
N ASN C 179 -6.55 32.46 -13.56
CA ASN C 179 -5.84 31.25 -13.97
C ASN C 179 -5.64 31.13 -15.48
N PHE C 180 -6.64 31.59 -16.25
CA PHE C 180 -6.58 31.62 -17.68
C PHE C 180 -5.44 32.56 -18.18
N SER C 181 -5.30 33.74 -17.57
CA SER C 181 -4.15 34.61 -17.86
C SER C 181 -2.82 33.95 -17.46
N VAL C 182 -2.79 33.29 -16.31
CA VAL C 182 -1.61 32.47 -15.95
C VAL C 182 -1.26 31.40 -17.01
N PHE C 183 -2.26 30.67 -17.48
CA PHE C 183 -2.06 29.70 -18.54
C PHE C 183 -1.37 30.33 -19.76
N TYR C 184 -1.85 31.50 -20.19
CA TYR C 184 -1.26 32.15 -21.32
C TYR C 184 0.17 32.59 -21.05
N TYR C 185 0.37 33.23 -19.91
CA TYR C 185 1.70 33.73 -19.60
C TYR C 185 2.75 32.62 -19.48
N GLU C 186 2.45 31.58 -18.74
CA GLU C 186 3.49 30.65 -18.42
C GLU C 186 3.44 29.32 -19.13
N ILE C 187 2.30 28.90 -19.65
CA ILE C 187 2.24 27.64 -20.43
C ILE C 187 2.37 27.91 -21.94
N GLN C 188 1.48 28.75 -22.48
CA GLN C 188 1.53 29.13 -23.87
C GLN C 188 2.67 30.10 -24.23
N ASN C 189 3.24 30.75 -23.23
CA ASN C 189 4.28 31.79 -23.44
C ASN C 189 3.74 32.85 -24.40
N ALA C 190 2.55 33.31 -24.03
CA ALA C 190 1.84 34.35 -24.75
C ALA C 190 1.59 35.53 -23.79
N PRO C 191 2.66 36.25 -23.43
CA PRO C 191 2.53 37.31 -22.43
C PRO C 191 1.52 38.41 -22.77
N GLU C 192 1.45 38.74 -24.04
CA GLU C 192 0.60 39.81 -24.51
C GLU C 192 -0.88 39.48 -24.35
N GLN C 193 -1.26 38.27 -24.74
CA GLN C 193 -2.59 37.73 -24.55
C GLN C 193 -2.95 37.61 -23.08
N ALA C 194 -2.01 37.13 -22.27
CA ALA C 194 -2.12 37.08 -20.80
C ALA C 194 -2.41 38.44 -20.16
N CYS C 195 -1.61 39.46 -20.48
CA CYS C 195 -1.86 40.79 -19.89
C CYS C 195 -3.19 41.38 -20.33
N LEU C 196 -3.56 41.13 -21.58
CA LEU C 196 -4.82 41.60 -22.15
C LEU C 196 -6.03 41.06 -21.41
N LEU C 197 -6.03 39.75 -21.25
CA LEU C 197 -7.03 39.00 -20.49
C LEU C 197 -7.13 39.46 -19.04
N ALA C 198 -6.02 39.38 -18.30
CA ALA C 198 -6.00 39.91 -16.94
C ALA C 198 -6.52 41.34 -16.84
N LYS C 199 -6.07 42.22 -17.74
CA LYS C 199 -6.45 43.63 -17.72
C LYS C 199 -7.93 43.90 -17.96
N GLN C 200 -8.48 43.15 -18.91
CA GLN C 200 -9.89 43.21 -19.29
C GLN C 200 -10.75 42.77 -18.13
N ALA C 201 -10.34 41.69 -17.47
CA ALA C 201 -11.01 41.18 -16.28
C ALA C 201 -11.01 42.18 -15.08
N PHE C 202 -9.86 42.75 -14.77
CA PHE C 202 -9.77 43.85 -13.78
C PHE C 202 -10.63 45.07 -14.16
N ASP C 203 -10.47 45.52 -15.40
CA ASP C 203 -11.17 46.71 -15.85
C ASP C 203 -12.68 46.51 -15.86
N ASP C 204 -13.17 45.36 -16.32
CA ASP C 204 -14.60 45.07 -16.31
C ASP C 204 -15.20 44.91 -14.88
N ALA C 205 -14.44 44.35 -13.94
CA ALA C 205 -14.87 44.30 -12.53
C ALA C 205 -14.94 45.73 -11.92
N ILE C 206 -13.96 46.55 -12.27
CA ILE C 206 -13.90 47.94 -11.78
C ILE C 206 -15.05 48.82 -12.27
N ALA C 207 -15.37 48.65 -13.55
CA ALA C 207 -16.51 49.31 -14.15
C ALA C 207 -17.79 48.96 -13.36
N GLU C 208 -17.85 47.77 -12.77
CA GLU C 208 -19.07 47.25 -12.20
C GLU C 208 -18.96 46.98 -10.73
N LEU C 209 -18.31 47.86 -9.97
CA LEU C 209 -18.17 47.67 -8.51
C LEU C 209 -19.52 47.61 -7.80
N ASP C 210 -20.57 48.11 -8.45
CA ASP C 210 -21.89 48.14 -7.85
C ASP C 210 -22.58 46.78 -7.94
N THR C 211 -21.91 45.81 -8.54
CA THR C 211 -22.43 44.47 -8.57
C THR C 211 -21.86 43.59 -7.48
N LEU C 212 -21.05 44.15 -6.57
CA LEU C 212 -20.40 43.34 -5.54
C LEU C 212 -21.43 42.81 -4.52
N ASN C 213 -21.26 41.54 -4.14
CA ASN C 213 -22.21 40.82 -3.27
C ASN C 213 -21.82 40.83 -1.79
N GLU C 214 -22.83 40.86 -0.93
CA GLU C 214 -22.63 40.79 0.51
C GLU C 214 -21.87 39.53 0.86
N ASP C 215 -22.11 38.45 0.12
CA ASP C 215 -21.55 37.16 0.49
C ASP C 215 -20.18 36.89 -0.14
N SER C 216 -19.80 37.67 -1.16
CA SER C 216 -18.57 37.42 -1.85
C SER C 216 -17.67 38.64 -2.13
N TYR C 217 -18.00 39.82 -1.60
CA TYR C 217 -17.20 41.04 -1.90
C TYR C 217 -15.70 40.97 -1.49
N LYS C 218 -15.38 40.20 -0.45
CA LYS C 218 -13.96 40.04 -0.04
C LYS C 218 -13.20 39.16 -1.03
N ASP C 219 -13.86 38.13 -1.56
CA ASP C 219 -13.24 37.29 -2.56
C ASP C 219 -12.98 38.05 -3.83
N SER C 220 -13.99 38.81 -4.26
CA SER C 220 -13.91 39.52 -5.51
C SER C 220 -12.73 40.49 -5.42
N THR C 221 -12.69 41.32 -4.37
CA THR C 221 -11.60 42.28 -4.23
C THR C 221 -10.19 41.66 -4.03
N LEU C 222 -10.14 40.56 -3.30
CA LEU C 222 -8.91 39.83 -3.15
C LEU C 222 -8.34 39.44 -4.51
N ILE C 223 -9.18 38.87 -5.36
CA ILE C 223 -8.75 38.37 -6.64
C ILE C 223 -8.37 39.51 -7.61
N MET C 224 -9.13 40.62 -7.56
CA MET C 224 -8.82 41.84 -8.35
C MET C 224 -7.41 42.29 -8.10
N GLN C 225 -7.03 42.27 -6.82
CA GLN C 225 -5.64 42.56 -6.44
C GLN C 225 -4.66 41.52 -6.97
N LEU C 226 -5.06 40.26 -7.04
CA LEU C 226 -4.20 39.23 -7.66
C LEU C 226 -3.97 39.47 -9.19
N LEU C 227 -5.02 39.85 -9.89
CA LEU C 227 -4.88 40.28 -11.29
C LEU C 227 -3.96 41.47 -11.45
N ARG C 228 -4.12 42.46 -10.58
CA ARG C 228 -3.23 43.63 -10.61
C ARG C 228 -1.76 43.24 -10.28
N ASP C 229 -1.57 42.33 -9.32
CA ASP C 229 -0.22 41.86 -8.91
C ASP C 229 0.53 41.19 -10.07
N ASN C 230 -0.17 40.33 -10.82
CA ASN C 230 0.38 39.67 -12.01
C ASN C 230 0.67 40.68 -13.14
N LEU C 231 -0.31 41.51 -13.44
CA LEU C 231 -0.11 42.57 -14.42
C LEU C 231 1.08 43.48 -14.12
N THR C 232 1.20 43.98 -12.90
CA THR C 232 2.33 44.86 -12.64
C THR C 232 3.66 44.07 -12.70
N LEU C 233 3.65 42.80 -12.33
CA LEU C 233 4.84 41.94 -12.52
C LEU C 233 5.18 41.71 -13.98
N TRP C 234 4.16 41.42 -14.77
CA TRP C 234 4.36 41.02 -16.14
C TRP C 234 4.81 42.18 -16.99
N THR C 235 4.30 43.36 -16.67
CA THR C 235 4.59 44.55 -17.46
C THR C 235 5.97 45.09 -17.08
N SER C 236 6.31 45.03 -15.80
CA SER C 236 7.68 45.28 -15.34
C SER C 236 8.48 43.98 -15.18
N ASP D 4 20.95 -0.97 -2.09
CA ASP D 4 22.32 -0.41 -2.43
C ASP D 4 22.47 0.87 -1.63
N ARG D 5 23.48 0.87 -0.76
CA ARG D 5 23.58 1.86 0.30
C ARG D 5 23.65 3.29 -0.24
N GLU D 6 24.50 3.54 -1.24
CA GLU D 6 24.69 4.89 -1.76
C GLU D 6 23.45 5.36 -2.48
N GLN D 7 22.77 4.40 -3.11
CA GLN D 7 21.51 4.68 -3.83
C GLN D 7 20.42 5.00 -2.85
N LEU D 8 20.37 4.31 -1.70
CA LEU D 8 19.32 4.59 -0.69
C LEU D 8 19.51 5.90 0.05
N LEU D 9 20.75 6.27 0.28
CA LEU D 9 21.11 7.51 0.97
C LEU D 9 20.90 8.73 0.12
N GLN D 10 21.23 8.66 -1.17
CA GLN D 10 20.83 9.71 -2.14
C GLN D 10 19.31 9.79 -2.34
N ARG D 11 18.61 8.66 -2.37
CA ARG D 11 17.15 8.75 -2.32
C ARG D 11 16.66 9.56 -1.08
N ALA D 12 17.19 9.22 0.09
CA ALA D 12 16.84 9.87 1.34
C ALA D 12 17.17 11.39 1.31
N ARG D 13 18.34 11.72 0.79
CA ARG D 13 18.74 13.12 0.58
C ARG D 13 17.80 13.93 -0.35
N LEU D 14 17.39 13.35 -1.46
CA LEU D 14 16.46 13.99 -2.40
C LEU D 14 15.04 14.14 -1.85
N ALA D 15 14.56 13.09 -1.18
CA ALA D 15 13.25 13.08 -0.53
C ALA D 15 13.22 14.18 0.52
N GLU D 16 14.30 14.30 1.28
CA GLU D 16 14.44 15.40 2.24
C GLU D 16 14.21 16.74 1.62
N GLN D 17 14.99 17.06 0.58
CA GLN D 17 14.82 18.34 -0.10
C GLN D 17 13.39 18.49 -0.69
N ALA D 18 12.86 17.40 -1.24
CA ALA D 18 11.47 17.35 -1.74
C ALA D 18 10.38 17.40 -0.66
N GLU D 19 10.81 17.36 0.61
CA GLU D 19 9.94 17.21 1.78
C GLU D 19 8.99 16.02 1.61
N ARG D 20 9.56 14.93 1.13
CA ARG D 20 8.81 13.68 0.96
C ARG D 20 9.38 12.76 2.05
N TYR D 21 8.82 12.96 3.25
CA TYR D 21 9.37 12.37 4.43
C TYR D 21 9.00 10.94 4.63
N ASP D 22 7.88 10.45 4.05
CA ASP D 22 7.63 9.00 4.03
C ASP D 22 8.62 8.27 3.08
N ASP D 23 8.95 8.90 1.94
CA ASP D 23 10.01 8.38 1.08
C ASP D 23 11.32 8.33 1.82
N MET D 24 11.65 9.40 2.55
CA MET D 24 12.92 9.49 3.30
C MET D 24 13.04 8.41 4.39
N ALA D 25 11.98 8.25 5.16
CA ALA D 25 11.90 7.27 6.21
C ALA D 25 12.00 5.82 5.68
N SER D 26 11.28 5.52 4.58
CA SER D 26 11.51 4.25 3.86
C SER D 26 12.97 4.03 3.45
N ALA D 27 13.60 5.05 2.86
CA ALA D 27 14.99 4.90 2.42
C ALA D 27 15.90 4.65 3.62
N MET D 28 15.65 5.33 4.73
CA MET D 28 16.56 5.22 5.89
C MET D 28 16.37 3.97 6.71
N LYS D 29 15.12 3.50 6.80
CA LYS D 29 14.79 2.16 7.31
C LYS D 29 15.53 1.04 6.53
N ALA D 30 15.50 1.11 5.22
CA ALA D 30 16.23 0.14 4.41
C ALA D 30 17.74 0.20 4.58
N VAL D 31 18.28 1.37 4.86
CA VAL D 31 19.70 1.48 5.16
C VAL D 31 20.00 0.78 6.50
N THR D 32 19.14 0.99 7.50
CA THR D 32 19.40 0.47 8.87
C THR D 32 19.38 -1.07 8.79
N GLU D 33 18.49 -1.56 7.92
CA GLU D 33 18.29 -2.98 7.70
C GLU D 33 19.42 -3.64 6.85
N LEU D 34 20.29 -2.84 6.21
CA LEU D 34 21.57 -3.38 5.64
C LEU D 34 22.49 -4.00 6.71
N ASN D 35 22.18 -3.72 7.97
CA ASN D 35 22.77 -4.40 9.11
C ASN D 35 24.22 -3.99 9.40
N GLU D 36 24.50 -2.71 9.17
CA GLU D 36 25.81 -2.12 9.36
C GLU D 36 25.59 -0.84 10.18
N PRO D 37 26.64 -0.34 10.85
CA PRO D 37 26.54 0.94 11.53
C PRO D 37 26.16 2.10 10.62
N LEU D 38 25.53 3.12 11.19
CA LEU D 38 25.26 4.40 10.51
C LEU D 38 26.32 5.38 10.93
N SER D 39 26.91 6.06 9.96
CA SER D 39 27.78 7.21 10.20
C SER D 39 26.97 8.29 10.87
N ASN D 40 27.66 9.35 11.32
CA ASN D 40 27.02 10.55 11.85
C ASN D 40 25.99 11.16 10.93
N GLU D 41 26.28 11.26 9.64
CA GLU D 41 25.31 11.83 8.68
C GLU D 41 24.08 10.92 8.43
N ASP D 42 24.31 9.62 8.30
CA ASP D 42 23.24 8.64 8.12
C ASP D 42 22.24 8.69 9.31
N ARG D 43 22.81 8.83 10.49
CA ARG D 43 22.07 8.90 11.73
C ARG D 43 21.10 10.06 11.73
N ASN D 44 21.61 11.23 11.32
CA ASN D 44 20.79 12.43 11.27
C ASN D 44 19.74 12.38 10.16
N LEU D 45 20.05 11.74 9.02
CA LEU D 45 18.99 11.47 8.00
C LEU D 45 17.86 10.63 8.55
N LEU D 46 18.21 9.57 9.26
CA LEU D 46 17.23 8.69 9.91
C LEU D 46 16.34 9.44 10.93
N SER D 47 17.00 10.11 11.85
CA SER D 47 16.33 11.05 12.78
C SER D 47 15.43 12.08 12.09
N VAL D 48 15.92 12.72 11.03
CA VAL D 48 15.16 13.77 10.38
C VAL D 48 13.90 13.20 9.72
N ALA D 49 14.07 12.08 8.99
CA ALA D 49 12.96 11.36 8.38
C ALA D 49 11.82 11.06 9.36
N TYR D 50 12.14 10.38 10.45
CA TYR D 50 11.12 9.92 11.38
C TYR D 50 10.53 11.06 12.22
N LYS D 51 11.36 12.07 12.50
CA LYS D 51 10.93 13.26 13.24
C LYS D 51 9.80 13.90 12.46
N ASN D 52 9.97 13.96 11.15
CA ASN D 52 8.99 14.59 10.34
C ASN D 52 7.74 13.80 10.11
N VAL D 53 7.91 12.51 9.87
CA VAL D 53 6.79 11.59 9.74
C VAL D 53 5.93 11.57 11.01
N VAL D 54 6.58 11.49 12.18
CA VAL D 54 5.87 11.40 13.43
C VAL D 54 5.28 12.77 13.81
N GLY D 55 6.01 13.83 13.49
CA GLY D 55 5.63 15.19 13.72
C GLY D 55 4.36 15.56 12.98
N ALA D 56 4.23 15.13 11.71
CA ALA D 56 2.99 15.31 10.97
C ALA D 56 1.78 14.75 11.74
N ARG D 57 1.89 13.51 12.23
CA ARG D 57 0.78 12.82 12.93
C ARG D 57 0.54 13.41 14.33
N ARG D 58 1.58 13.90 14.99
CA ARG D 58 1.39 14.55 16.31
C ARG D 58 0.64 15.86 16.15
N SER D 59 0.99 16.59 15.12
CA SER D 59 0.30 17.86 14.81
C SER D 59 -1.16 17.59 14.51
N SER D 60 -1.43 16.58 13.71
CA SER D 60 -2.80 16.23 13.31
C SER D 60 -3.66 15.78 14.49
N TRP D 61 -3.06 14.96 15.32
CA TRP D 61 -3.65 14.43 16.56
C TRP D 61 -4.02 15.57 17.51
N ARG D 62 -3.14 16.55 17.68
CA ARG D 62 -3.46 17.70 18.55
C ARG D 62 -4.65 18.52 18.04
N VAL D 63 -4.67 18.75 16.74
CA VAL D 63 -5.79 19.45 16.08
C VAL D 63 -7.11 18.70 16.25
N ILE D 64 -7.14 17.39 15.99
CA ILE D 64 -8.38 16.64 16.10
C ILE D 64 -8.87 16.54 17.56
N SER D 65 -7.93 16.37 18.51
CA SER D 65 -8.23 16.33 19.93
C SER D 65 -8.84 17.67 20.43
N SER D 66 -8.27 18.78 20.00
CA SER D 66 -8.86 20.07 20.29
C SER D 66 -10.32 20.12 19.71
N ILE D 67 -10.51 19.72 18.44
CA ILE D 67 -11.88 19.67 17.89
C ILE D 67 -12.81 18.75 18.70
N GLU D 68 -12.27 17.63 19.13
CA GLU D 68 -13.01 16.64 19.90
C GLU D 68 -13.49 17.25 21.20
N GLN D 69 -12.59 17.99 21.86
CA GLN D 69 -12.94 18.66 23.10
C GLN D 69 -14.02 19.72 22.86
N LYS D 70 -13.93 20.50 21.79
CA LYS D 70 -14.96 21.49 21.48
C LYS D 70 -16.24 20.79 21.10
N THR D 71 -16.16 19.63 20.44
CA THR D 71 -17.40 18.93 20.07
C THR D 71 -18.15 18.34 21.30
N MET D 72 -17.41 17.88 22.29
CA MET D 72 -17.99 17.37 23.52
C MET D 72 -18.67 18.48 24.32
N ALA D 73 -18.07 19.67 24.25
CA ALA D 73 -18.56 20.85 24.96
C ALA D 73 -19.87 21.32 24.37
N ASP D 74 -19.97 21.19 23.03
CA ASP D 74 -21.16 21.57 22.28
C ASP D 74 -22.30 20.52 22.29
N GLY D 75 -22.04 19.33 22.80
CA GLY D 75 -23.07 18.30 22.91
C GLY D 75 -23.58 17.72 21.59
N ASN D 76 -22.73 17.78 20.56
CA ASN D 76 -23.02 17.24 19.23
C ASN D 76 -22.51 15.76 19.27
N GLU D 77 -23.38 14.85 19.70
CA GLU D 77 -23.05 13.45 19.99
C GLU D 77 -22.62 12.73 18.71
N LYS D 78 -23.32 12.99 17.61
CA LYS D 78 -23.02 12.36 16.33
C LYS D 78 -21.65 12.73 15.80
N LYS D 79 -21.34 14.03 15.77
CA LYS D 79 -20.05 14.49 15.29
C LYS D 79 -18.97 13.96 16.20
N LEU D 80 -19.26 13.95 17.49
CA LEU D 80 -18.32 13.44 18.48
C LEU D 80 -17.86 12.01 18.20
N GLU D 81 -18.79 11.12 17.84
CA GLU D 81 -18.44 9.75 17.45
C GLU D 81 -17.41 9.75 16.31
N LYS D 82 -17.68 10.59 15.31
CA LYS D 82 -16.83 10.67 14.15
C LYS D 82 -15.48 11.30 14.46
N VAL D 83 -15.46 12.36 15.27
CA VAL D 83 -14.20 13.01 15.61
C VAL D 83 -13.35 12.02 16.38
N LYS D 84 -13.93 11.33 17.36
CA LYS D 84 -13.20 10.35 18.15
C LYS D 84 -12.60 9.23 17.28
N ALA D 85 -13.39 8.75 16.32
CA ALA D 85 -12.92 7.74 15.39
C ALA D 85 -11.76 8.25 14.50
N TYR D 86 -11.83 9.50 14.05
CA TYR D 86 -10.72 10.06 13.24
C TYR D 86 -9.47 10.21 14.14
N ARG D 87 -9.69 10.54 15.41
CA ARG D 87 -8.60 10.67 16.33
C ARG D 87 -7.92 9.31 16.51
N GLU D 88 -8.72 8.27 16.78
CA GLU D 88 -8.18 6.93 16.90
C GLU D 88 -7.37 6.49 15.68
N LYS D 89 -7.83 6.85 14.48
CA LYS D 89 -7.16 6.43 13.23
C LYS D 89 -5.77 7.04 13.13
N ILE D 90 -5.70 8.32 13.47
CA ILE D 90 -4.46 9.05 13.49
C ILE D 90 -3.54 8.49 14.54
N GLU D 91 -4.08 8.21 15.74
CA GLU D 91 -3.35 7.51 16.81
C GLU D 91 -2.74 6.20 16.40
N LYS D 92 -3.51 5.37 15.69
CA LYS D 92 -2.94 4.12 15.25
C LYS D 92 -1.75 4.32 14.30
N GLU D 93 -1.87 5.29 13.38
CA GLU D 93 -0.76 5.63 12.46
C GLU D 93 0.49 6.07 13.22
N LEU D 94 0.27 6.90 14.24
CA LEU D 94 1.33 7.46 15.06
C LEU D 94 2.05 6.32 15.78
N GLU D 95 1.27 5.39 16.33
CA GLU D 95 1.81 4.26 17.07
C GLU D 95 2.64 3.34 16.20
N THR D 96 2.18 3.08 14.99
CA THR D 96 2.90 2.31 13.97
C THR D 96 4.26 2.92 13.60
N VAL D 97 4.32 4.23 13.41
CA VAL D 97 5.60 4.95 13.15
C VAL D 97 6.54 4.78 14.37
N CYS D 98 6.04 5.03 15.57
CA CYS D 98 6.86 4.92 16.78
C CYS D 98 7.35 3.48 16.92
N ASN D 99 6.47 2.53 16.75
CA ASN D 99 6.85 1.15 16.92
C ASN D 99 7.91 0.73 15.88
N ASP D 100 7.84 1.25 14.65
CA ASP D 100 8.87 0.98 13.62
C ASP D 100 10.23 1.51 13.99
N VAL D 101 10.28 2.77 14.42
CA VAL D 101 11.52 3.37 14.91
C VAL D 101 12.07 2.54 16.08
N LEU D 102 11.22 2.25 17.06
CA LEU D 102 11.66 1.51 18.24
C LEU D 102 12.21 0.14 17.91
N SER D 103 11.60 -0.54 16.93
CA SER D 103 12.05 -1.82 16.45
C SER D 103 13.43 -1.72 15.79
N LEU D 104 13.61 -0.70 14.94
CA LEU D 104 14.93 -0.37 14.35
C LEU D 104 16.00 -0.14 15.41
N LEU D 105 15.70 0.70 16.38
CA LEU D 105 16.64 0.87 17.54
C LEU D 105 17.00 -0.42 18.25
N ASP D 106 15.96 -1.20 18.50
CA ASP D 106 16.10 -2.42 19.27
C ASP D 106 16.91 -3.48 18.56
N LYS D 107 16.57 -3.76 17.30
CA LYS D 107 17.11 -4.89 16.56
C LYS D 107 18.36 -4.53 15.82
N PHE D 108 18.61 -3.23 15.56
CA PHE D 108 19.81 -2.91 14.79
C PHE D 108 20.74 -1.91 15.45
N LEU D 109 20.22 -0.73 15.81
CA LEU D 109 21.07 0.43 16.11
C LEU D 109 21.73 0.42 17.51
N ILE D 110 20.93 0.20 18.55
CA ILE D 110 21.45 0.01 19.91
C ILE D 110 22.08 -1.39 19.99
N LYS D 111 21.39 -2.38 19.42
CA LYS D 111 21.87 -3.77 19.41
C LYS D 111 23.29 -3.94 18.86
N ASN D 112 23.63 -3.25 17.77
CA ASN D 112 24.92 -3.47 17.10
C ASN D 112 25.98 -2.43 17.45
N CYS D 113 25.77 -1.69 18.55
CA CYS D 113 26.67 -0.58 18.93
C CYS D 113 27.91 -1.12 19.68
N ASN D 114 29.12 -0.75 19.26
CA ASN D 114 30.33 -0.97 20.09
C ASN D 114 30.04 -0.51 21.49
N ASP D 115 30.69 -1.16 22.44
CA ASP D 115 30.69 -0.68 23.82
C ASP D 115 31.35 0.73 23.88
N PHE D 116 32.25 1.03 22.93
CA PHE D 116 33.01 2.29 22.91
C PHE D 116 32.52 3.34 21.87
N GLN D 117 31.39 3.08 21.21
CA GLN D 117 30.72 4.06 20.32
C GLN D 117 29.65 4.81 21.14
N TYR D 118 30.13 5.54 22.13
CA TYR D 118 29.34 6.22 23.14
C TYR D 118 28.36 7.24 22.55
N GLU D 119 28.82 8.02 21.56
CA GLU D 119 28.01 9.04 20.93
C GLU D 119 26.80 8.44 20.23
N SER D 120 27.03 7.38 19.45
CA SER D 120 25.98 6.58 18.81
C SER D 120 25.00 6.05 19.83
N LYS D 121 25.50 5.40 20.87
CA LYS D 121 24.65 4.81 21.89
C LYS D 121 23.78 5.83 22.61
N VAL D 122 24.38 6.95 23.01
CA VAL D 122 23.61 8.04 23.56
C VAL D 122 22.55 8.54 22.56
N PHE D 123 22.96 8.82 21.32
CA PHE D 123 22.04 9.25 20.26
C PHE D 123 20.80 8.35 20.14
N TYR D 124 21.03 7.05 20.12
CA TYR D 124 19.95 6.10 19.88
C TYR D 124 19.06 5.90 21.11
N LEU D 125 19.64 5.93 22.29
CA LEU D 125 18.86 5.76 23.52
C LEU D 125 17.97 6.97 23.75
N LYS D 126 18.52 8.15 23.43
CA LYS D 126 17.74 9.34 23.43
C LYS D 126 16.55 9.20 22.49
N MET D 127 16.82 8.75 21.28
CA MET D 127 15.77 8.47 20.31
C MET D 127 14.68 7.52 20.83
N LYS D 128 15.11 6.46 21.51
CA LYS D 128 14.24 5.53 22.19
C LYS D 128 13.39 6.23 23.23
N GLY D 129 14.01 7.07 24.05
CA GLY D 129 13.27 7.92 24.96
C GLY D 129 12.20 8.77 24.28
N ASP D 130 12.57 9.42 23.18
CA ASP D 130 11.70 10.36 22.45
C ASP D 130 10.46 9.66 21.90
N TYR D 131 10.70 8.55 21.22
CA TYR D 131 9.63 7.72 20.67
C TYR D 131 8.67 7.04 21.66
N TYR D 132 9.14 6.52 22.78
CA TYR D 132 8.20 6.15 23.83
C TYR D 132 7.48 7.40 24.35
N ARG D 133 8.15 8.56 24.34
CA ARG D 133 7.50 9.80 24.79
C ARG D 133 6.33 10.23 23.88
N TYR D 134 6.50 10.04 22.57
CA TYR D 134 5.45 10.33 21.60
C TYR D 134 4.31 9.35 21.76
N LEU D 135 4.62 8.09 22.09
CA LEU D 135 3.57 7.13 22.42
C LEU D 135 2.80 7.53 23.68
N ALA D 136 3.55 7.95 24.69
CA ALA D 136 2.97 8.37 25.97
C ALA D 136 2.05 9.58 25.83
N GLU D 137 2.36 10.45 24.85
CA GLU D 137 1.52 11.61 24.58
C GLU D 137 0.06 11.21 24.19
N VAL D 138 -0.14 10.01 23.66
CA VAL D 138 -1.45 9.61 23.17
C VAL D 138 -1.98 8.37 23.87
N ALA D 139 -1.14 7.68 24.65
CA ALA D 139 -1.56 6.49 25.35
C ALA D 139 -2.51 6.84 26.49
N SER D 140 -3.26 5.82 26.91
CA SER D 140 -4.08 5.90 28.11
C SER D 140 -3.90 4.63 28.98
N GLY D 141 -4.44 4.66 30.20
CA GLY D 141 -4.53 3.45 31.00
C GLY D 141 -3.22 2.79 31.37
N GLU D 142 -3.23 1.45 31.31
CA GLU D 142 -2.05 0.66 31.67
C GLU D 142 -0.97 0.81 30.59
N LYS D 143 -1.41 1.05 29.35
CA LYS D 143 -0.51 1.28 28.23
C LYS D 143 0.32 2.54 28.47
N LYS D 144 -0.33 3.60 28.97
CA LYS D 144 0.34 4.87 29.24
C LYS D 144 1.51 4.66 30.17
N ASN D 145 1.20 4.12 31.35
CA ASN D 145 2.20 3.97 32.41
C ASN D 145 3.41 3.15 31.95
N SER D 146 3.17 2.14 31.13
CA SER D 146 4.22 1.31 30.58
C SER D 146 5.15 2.05 29.62
N VAL D 147 4.62 2.83 28.68
CA VAL D 147 5.47 3.67 27.78
C VAL D 147 6.17 4.87 28.46
N VAL D 148 5.55 5.34 29.54
CA VAL D 148 6.12 6.40 30.36
C VAL D 148 7.37 5.88 31.07
N GLU D 149 7.31 4.63 31.53
CA GLU D 149 8.43 4.02 32.23
C GLU D 149 9.56 3.64 31.26
N ALA D 150 9.20 3.15 30.07
CA ALA D 150 10.18 2.83 29.01
C ALA D 150 10.88 4.12 28.53
N SER D 151 10.11 5.20 28.36
CA SER D 151 10.69 6.50 27.98
C SER D 151 11.75 6.95 28.99
N GLU D 152 11.35 6.98 30.26
CA GLU D 152 12.25 7.42 31.31
C GLU D 152 13.51 6.54 31.40
N ALA D 153 13.34 5.23 31.35
CA ALA D 153 14.47 4.30 31.44
C ALA D 153 15.54 4.52 30.33
N ALA D 154 15.05 4.65 29.10
CA ALA D 154 15.89 4.93 27.94
C ALA D 154 16.67 6.29 28.14
N TYR D 155 15.93 7.35 28.51
CA TYR D 155 16.54 8.65 28.83
C TYR D 155 17.55 8.63 29.94
N LYS D 156 17.21 7.96 31.05
CA LYS D 156 18.10 7.78 32.21
C LYS D 156 19.42 7.05 31.88
N GLU D 157 19.31 5.94 31.14
CA GLU D 157 20.49 5.23 30.65
C GLU D 157 21.34 6.11 29.73
N ALA D 158 20.73 6.71 28.71
CA ALA D 158 21.45 7.69 27.85
C ALA D 158 22.19 8.78 28.65
N PHE D 159 21.52 9.33 29.66
CA PHE D 159 22.05 10.46 30.39
C PHE D 159 23.23 10.02 31.29
N GLU D 160 23.11 8.83 31.87
CA GLU D 160 24.20 8.17 32.58
C GLU D 160 25.49 8.09 31.74
N ILE D 161 25.35 7.42 30.59
CA ILE D 161 26.44 7.26 29.62
C ILE D 161 27.01 8.60 29.15
N SER D 162 26.14 9.59 28.90
CA SER D 162 26.57 10.92 28.43
C SER D 162 27.40 11.68 29.49
N LYS D 163 26.92 11.69 30.73
CA LYS D 163 27.67 12.25 31.84
C LYS D 163 29.01 11.52 32.01
N GLU D 164 29.02 10.21 31.78
CA GLU D 164 30.27 9.41 31.84
C GLU D 164 31.24 9.83 30.75
N GLN D 165 30.76 9.94 29.52
CA GLN D 165 31.64 9.91 28.35
C GLN D 165 31.71 11.18 27.49
N MET D 166 30.82 12.13 27.73
CA MET D 166 30.73 13.32 26.89
C MET D 166 30.88 14.58 27.69
N GLN D 167 31.43 15.61 27.04
CA GLN D 167 31.59 16.92 27.68
C GLN D 167 30.19 17.56 27.76
N PRO D 168 29.93 18.39 28.82
CA PRO D 168 28.60 18.96 29.03
C PRO D 168 28.09 19.89 27.93
N THR D 169 29.01 20.31 27.04
CA THR D 169 28.71 21.15 25.90
C THR D 169 28.51 20.38 24.59
N HIS D 170 28.62 19.04 24.66
CA HIS D 170 28.36 18.20 23.50
C HIS D 170 26.89 18.34 23.09
N PRO D 171 26.63 18.73 21.83
CA PRO D 171 25.23 18.96 21.47
C PRO D 171 24.28 17.74 21.61
N ILE D 172 24.78 16.52 21.49
CA ILE D 172 23.95 15.36 21.76
C ILE D 172 23.59 15.28 23.24
N ARG D 173 24.56 15.48 24.12
CA ARG D 173 24.27 15.47 25.55
C ARG D 173 23.27 16.60 25.90
N LEU D 174 23.48 17.79 25.29
CA LEU D 174 22.60 18.91 25.55
C LEU D 174 21.18 18.64 25.06
N GLY D 175 21.04 18.09 23.86
CA GLY D 175 19.70 17.83 23.32
C GLY D 175 18.97 16.75 24.11
N LEU D 176 19.73 15.79 24.63
CA LEU D 176 19.19 14.75 25.49
C LEU D 176 18.62 15.32 26.75
N ALA D 177 19.41 16.15 27.44
CA ALA D 177 18.93 16.94 28.60
C ALA D 177 17.65 17.73 28.33
N LEU D 178 17.62 18.42 27.21
CA LEU D 178 16.45 19.18 26.82
C LEU D 178 15.22 18.27 26.68
N ASN D 179 15.35 17.18 25.96
CA ASN D 179 14.22 16.32 25.74
C ASN D 179 13.77 15.62 26.98
N PHE D 180 14.75 15.24 27.81
CA PHE D 180 14.53 14.52 29.07
C PHE D 180 13.84 15.42 30.11
N SER D 181 14.28 16.68 30.23
CA SER D 181 13.56 17.69 30.99
C SER D 181 12.13 17.90 30.51
N VAL D 182 11.93 17.97 29.18
CA VAL D 182 10.60 18.05 28.61
C VAL D 182 9.75 16.82 28.97
N PHE D 183 10.35 15.62 28.90
CA PHE D 183 9.64 14.43 29.36
C PHE D 183 9.14 14.55 30.84
N TYR D 184 10.00 15.02 31.73
CA TYR D 184 9.59 15.15 33.11
C TYR D 184 8.45 16.13 33.24
N TYR D 185 8.61 17.32 32.66
CA TYR D 185 7.63 18.40 32.79
C TYR D 185 6.29 18.07 32.16
N GLU D 186 6.31 17.60 30.91
CA GLU D 186 5.06 17.41 30.19
C GLU D 186 4.49 16.00 30.19
N ILE D 187 5.29 14.97 30.46
CA ILE D 187 4.79 13.58 30.42
C ILE D 187 4.57 12.98 31.81
N GLN D 188 5.61 13.09 32.63
CA GLN D 188 5.56 12.54 33.97
C GLN D 188 4.99 13.56 34.94
N ASN D 189 4.86 14.79 34.47
CA ASN D 189 4.23 15.88 35.22
C ASN D 189 5.01 16.13 36.49
N ALA D 190 6.33 16.25 36.32
CA ALA D 190 7.28 16.52 37.38
C ALA D 190 8.03 17.82 37.10
N PRO D 191 7.36 18.97 37.28
CA PRO D 191 7.95 20.28 36.97
C PRO D 191 9.27 20.58 37.72
N GLU D 192 9.36 20.18 39.00
CA GLU D 192 10.57 20.43 39.79
C GLU D 192 11.75 19.64 39.21
N GLN D 193 11.58 18.33 39.09
CA GLN D 193 12.52 17.43 38.38
C GLN D 193 12.93 17.97 36.98
N ALA D 194 11.96 18.41 36.17
CA ALA D 194 12.23 19.03 34.86
C ALA D 194 13.12 20.29 34.94
N CYS D 195 12.75 21.22 35.80
CA CYS D 195 13.57 22.44 35.96
C CYS D 195 15.00 22.12 36.43
N LEU D 196 15.13 21.15 37.33
CA LEU D 196 16.42 20.84 37.94
C LEU D 196 17.37 20.26 36.92
N LEU D 197 16.89 19.27 36.21
CA LEU D 197 17.62 18.63 35.13
C LEU D 197 18.17 19.69 34.15
N ALA D 198 17.29 20.50 33.55
CA ALA D 198 17.65 21.53 32.55
C ALA D 198 18.67 22.53 33.07
N LYS D 199 18.47 22.98 34.29
CA LYS D 199 19.38 23.94 34.93
C LYS D 199 20.76 23.36 35.14
N GLN D 200 20.81 22.10 35.61
CA GLN D 200 22.07 21.37 35.82
C GLN D 200 22.86 21.26 34.51
N ALA D 201 22.14 20.95 33.43
CA ALA D 201 22.75 20.80 32.11
C ALA D 201 23.21 22.15 31.57
N PHE D 202 22.39 23.17 31.74
CA PHE D 202 22.78 24.53 31.38
C PHE D 202 24.03 24.94 32.13
N ASP D 203 24.01 24.78 33.46
CA ASP D 203 25.12 25.21 34.32
C ASP D 203 26.41 24.42 34.07
N ASP D 204 26.28 23.14 33.72
CA ASP D 204 27.44 22.28 33.43
C ASP D 204 28.11 22.65 32.12
N ALA D 205 27.31 23.04 31.14
CA ALA D 205 27.83 23.55 29.87
C ALA D 205 28.50 24.94 30.06
N ILE D 206 27.84 25.84 30.78
CA ILE D 206 28.44 27.15 31.18
C ILE D 206 29.79 26.99 31.88
N ALA D 207 29.87 26.05 32.81
CA ALA D 207 31.08 25.81 33.60
C ALA D 207 32.27 25.52 32.71
N GLU D 208 31.99 24.87 31.58
CA GLU D 208 33.01 24.32 30.72
C GLU D 208 32.82 24.82 29.29
N LEU D 209 32.65 26.14 29.15
CA LEU D 209 32.55 26.79 27.81
C LEU D 209 33.84 26.60 27.01
N ASP D 210 34.95 26.36 27.70
CA ASP D 210 36.21 26.06 27.05
C ASP D 210 36.17 24.77 26.20
N THR D 211 35.12 23.95 26.37
CA THR D 211 34.96 22.67 25.67
C THR D 211 34.17 22.75 24.33
N LEU D 212 33.91 23.97 23.85
CA LEU D 212 33.27 24.18 22.54
C LEU D 212 34.21 23.92 21.36
N ASN D 213 33.68 23.20 20.35
CA ASN D 213 34.37 22.85 19.10
C ASN D 213 33.92 23.69 17.91
N GLU D 214 34.83 23.86 16.95
CA GLU D 214 34.54 24.54 15.69
C GLU D 214 33.33 23.95 15.00
N ASP D 215 33.22 22.62 14.94
CA ASP D 215 32.14 22.04 14.16
C ASP D 215 30.80 21.95 14.93
N SER D 216 30.81 22.17 16.25
CA SER D 216 29.58 22.07 17.02
C SER D 216 29.21 23.26 17.94
N TYR D 217 30.03 24.32 17.96
CA TYR D 217 29.79 25.43 18.90
C TYR D 217 28.45 26.10 18.72
N LYS D 218 27.98 26.16 17.46
CA LYS D 218 26.69 26.79 17.13
C LYS D 218 25.46 26.02 17.61
N ASP D 219 25.48 24.70 17.41
CA ASP D 219 24.47 23.81 17.96
C ASP D 219 24.44 23.82 19.50
N SER D 220 25.63 23.82 20.09
CA SER D 220 25.74 23.80 21.54
C SER D 220 25.08 25.04 22.13
N THR D 221 25.43 26.21 21.58
CA THR D 221 24.87 27.46 22.04
C THR D 221 23.35 27.56 21.81
N LEU D 222 22.87 26.99 20.71
CA LEU D 222 21.47 26.98 20.37
C LEU D 222 20.63 26.23 21.44
N ILE D 223 21.08 25.02 21.77
CA ILE D 223 20.41 24.16 22.73
C ILE D 223 20.50 24.71 24.17
N MET D 224 21.67 25.24 24.56
CA MET D 224 21.78 26.03 25.80
C MET D 224 20.71 27.09 25.86
N GLN D 225 20.45 27.78 24.76
CA GLN D 225 19.42 28.82 24.77
C GLN D 225 18.03 28.22 24.87
N LEU D 226 17.82 27.05 24.27
CA LEU D 226 16.52 26.38 24.39
C LEU D 226 16.22 25.89 25.80
N LEU D 227 17.23 25.35 26.48
CA LEU D 227 17.07 24.98 27.89
C LEU D 227 16.66 26.23 28.67
N ARG D 228 17.39 27.32 28.48
CA ARG D 228 17.08 28.62 29.12
C ARG D 228 15.61 29.05 28.85
N ASP D 229 15.16 28.96 27.60
CA ASP D 229 13.77 29.27 27.24
C ASP D 229 12.74 28.41 27.96
N ASN D 230 12.98 27.12 28.03
CA ASN D 230 12.06 26.23 28.73
C ASN D 230 12.05 26.56 30.23
N LEU D 231 13.22 26.79 30.78
CA LEU D 231 13.37 27.19 32.17
C LEU D 231 12.63 28.48 32.52
N THR D 232 12.70 29.49 31.66
CA THR D 232 12.02 30.77 31.91
C THR D 232 10.49 30.62 31.76
N LEU D 233 10.04 29.73 30.87
CA LEU D 233 8.61 29.43 30.69
C LEU D 233 8.03 28.67 31.89
N TRP D 234 8.77 27.65 32.32
CA TRP D 234 8.37 26.78 33.42
C TRP D 234 8.37 27.40 34.79
N THR D 235 9.22 28.41 34.97
CA THR D 235 9.43 29.06 36.24
C THR D 235 8.42 30.19 36.44
N SER D 236 8.01 30.80 35.33
CA SER D 236 7.02 31.89 35.33
C SER D 236 5.79 31.52 34.52
N ILE E 3 -22.23 -26.89 -1.63
CA ILE E 3 -21.64 -26.35 -2.90
C ILE E 3 -22.49 -25.20 -3.45
N SEP E 4 -21.94 -24.00 -3.41
CA SEP E 4 -22.52 -22.81 -4.00
CB SEP E 4 -22.12 -21.57 -3.21
OG SEP E 4 -20.72 -21.37 -3.31
C SEP E 4 -21.99 -22.70 -5.41
O SEP E 4 -21.12 -23.49 -5.81
P SEP E 4 -20.17 -20.14 -2.42
O1P SEP E 4 -18.62 -20.04 -2.78
O2P SEP E 4 -20.56 -20.48 -0.95
O3P SEP E 4 -20.88 -18.85 -3.06
N LEU E 5 -22.49 -21.73 -6.15
CA LEU E 5 -22.14 -21.60 -7.55
C LEU E 5 -20.64 -21.31 -7.70
N PRO E 6 -19.94 -22.08 -8.57
CA PRO E 6 -18.53 -21.80 -8.80
C PRO E 6 -18.33 -20.39 -9.38
N ILE F 3 11.91 -30.42 -13.29
CA ILE F 3 11.50 -30.43 -11.84
C ILE F 3 12.68 -30.11 -10.91
N SEP F 4 12.58 -28.96 -10.22
CA SEP F 4 13.49 -28.60 -9.15
CB SEP F 4 13.70 -27.10 -9.13
OG SEP F 4 12.45 -26.44 -9.02
C SEP F 4 12.94 -29.11 -7.83
O SEP F 4 11.90 -29.77 -7.77
P SEP F 4 12.59 -24.86 -8.95
O1P SEP F 4 11.15 -24.25 -8.50
O2P SEP F 4 13.01 -24.34 -10.35
O3P SEP F 4 13.51 -24.48 -7.70
N LEU F 5 13.67 -28.85 -6.75
CA LEU F 5 13.26 -29.38 -5.45
C LEU F 5 11.95 -28.71 -5.01
N PRO F 6 10.94 -29.52 -4.64
CA PRO F 6 9.71 -28.97 -4.07
C PRO F 6 9.98 -28.11 -2.84
N ILE G 3 1.41 33.94 -9.88
CA ILE G 3 0.37 33.64 -8.84
C ILE G 3 -0.98 33.26 -9.45
N SEP G 4 -1.35 31.99 -9.32
CA SEP G 4 -2.68 31.51 -9.66
CB SEP G 4 -2.62 30.04 -10.10
OG SEP G 4 -2.11 29.25 -9.05
C SEP G 4 -3.61 31.65 -8.46
O SEP G 4 -3.20 32.10 -7.39
P SEP G 4 -2.01 27.70 -9.45
O1P SEP G 4 -1.53 26.89 -8.18
O2P SEP G 4 -0.82 27.63 -10.54
O3P SEP G 4 -3.39 27.17 -10.05
N LEU G 5 -4.87 31.28 -8.65
CA LEU G 5 -5.89 31.43 -7.59
C LEU G 5 -5.53 30.54 -6.40
N PRO G 6 -5.44 31.13 -5.18
CA PRO G 6 -5.23 30.35 -3.97
C PRO G 6 -6.29 29.26 -3.74
N ILE H 3 9.30 23.32 24.33
CA ILE H 3 10.18 23.13 23.15
C ILE H 3 11.19 21.97 23.34
N SEP H 4 11.02 20.92 22.54
CA SEP H 4 11.96 19.81 22.45
CB SEP H 4 11.22 18.50 22.18
OG SEP H 4 10.53 18.58 20.95
C SEP H 4 12.91 20.13 21.32
O SEP H 4 12.81 21.20 20.66
P SEP H 4 9.81 17.20 20.55
O1P SEP H 4 9.30 17.49 19.11
O2P SEP H 4 8.60 17.10 21.61
O3P SEP H 4 10.87 15.99 20.59
N LEU H 5 13.88 19.24 21.14
CA LEU H 5 14.93 19.49 20.19
C LEU H 5 14.37 19.50 18.76
N PRO H 6 14.66 20.57 17.99
CA PRO H 6 14.26 20.65 16.59
C PRO H 6 14.83 19.48 15.80
#